data_4CDN
#
_entry.id   4CDN
#
_cell.length_a   78.970
_cell.length_b   114.740
_cell.length_c   141.360
_cell.angle_alpha   90.00
_cell.angle_beta   90.00
_cell.angle_gamma   90.00
#
_symmetry.space_group_name_H-M   'P 21 21 21'
#
loop_
_entity.id
_entity.type
_entity.pdbx_description
1 polymer 'DEOXYRIBODIPYRIMIDINE PHOTOLYASE'
2 non-polymer 'FLAVIN-ADENINE DINUCLEOTIDE'
3 non-polymer 1-deoxy-1-(8-hydroxy-2,4-dioxo-3,4-dihydropyrimido[4,5-b]quinolin-10(2H)-yl)-D-ribitol
4 non-polymer GLYCEROL
5 non-polymer 'SULFATE ION'
6 non-polymer 'TRIETHYLENE GLYCOL'
7 non-polymer DI(HYDROXYETHYL)ETHER
8 water water
#
_entity_poly.entity_id   1
_entity_poly.type   'polypeptide(L)'
_entity_poly.pdbx_seq_one_letter_code
;MGSSHHHHHHSSGLVPRGSHMNPKRIRALKSGKQGDGPVVYWMSRDQRAEDNWALLFSRAIAKEANVPVVVVFCLTDEFL
EAGIRQYEFMLKGLQELEVSLSRKKIPSFFLRGDPGEKISRFVKDYNAGTLVTDFSPLRIKNQWIEKVISGISIPFFEVD
AHNVVPCWEASQKHEYAAHTFRPKLYALLPEFLEEFPELEPNSVTPELSAGAGMVETLSDVLETGVKALLPERALLKNKD
PLFEPWHFEPGEKAAKKVMESFIADRLDSYGALRNDPTKNMLSNLSPYLHFGQISSQRVVLEVEKAESNPGSKKAFLDEI
LIWKEISDNFCYYNPGYDGFESFPSWAKESLNAHRNDVRSHIYTLEEFEAGKTHDPLWNASQMELLSTGKMHGYTRMYWA
KKILEWSESPEKALEIAICLNDRYELDGRDPNGYAGIAWSIGGVHDRAWGEREVTGKIRYMSYEGCKRKFDVKLYIEKYS
AL
;
_entity_poly.pdbx_strand_id   A,B
#
# COMPACT_ATOMS: atom_id res chain seq x y z
N LEU A 14 -22.84 -7.98 -7.55
CA LEU A 14 -22.56 -6.51 -7.67
C LEU A 14 -21.63 -6.24 -8.86
N VAL A 15 -20.40 -6.78 -8.79
CA VAL A 15 -19.55 -6.93 -9.98
C VAL A 15 -19.65 -8.39 -10.45
N PRO A 16 -20.48 -8.64 -11.49
CA PRO A 16 -20.88 -9.98 -11.85
C PRO A 16 -19.74 -10.78 -12.48
N ARG A 17 -19.83 -12.11 -12.37
CA ARG A 17 -18.89 -13.00 -13.04
C ARG A 17 -19.17 -12.97 -14.53
N GLY A 18 -18.14 -13.26 -15.34
CA GLY A 18 -18.29 -13.22 -16.79
C GLY A 18 -17.06 -13.72 -17.51
N SER A 19 -17.23 -14.04 -18.78
CA SER A 19 -16.12 -14.48 -19.63
C SER A 19 -15.06 -13.38 -19.69
N HIS A 20 -13.83 -13.74 -19.34
CA HIS A 20 -12.71 -12.79 -19.32
C HIS A 20 -12.92 -11.59 -18.39
N MET A 21 -13.60 -11.79 -17.27
CA MET A 21 -13.78 -10.70 -16.30
C MET A 21 -13.24 -11.15 -14.94
N ASN A 22 -11.93 -10.99 -14.78
CA ASN A 22 -11.26 -11.43 -13.60
C ASN A 22 -11.41 -10.36 -12.52
N PRO A 23 -12.08 -10.71 -11.41
CA PRO A 23 -12.39 -9.73 -10.36
C PRO A 23 -11.16 -9.14 -9.67
N LYS A 24 -9.99 -9.73 -9.88
CA LYS A 24 -8.75 -9.17 -9.33
C LYS A 24 -8.30 -7.87 -9.98
N ARG A 25 -8.89 -7.55 -11.15
CA ARG A 25 -8.63 -6.27 -11.84
C ARG A 25 -9.33 -5.05 -11.21
N ILE A 26 -10.30 -5.31 -10.35
CA ILE A 26 -11.14 -4.26 -9.76
C ILE A 26 -11.08 -4.32 -8.24
N ARG A 27 -11.04 -3.17 -7.61
CA ARG A 27 -11.11 -3.09 -6.14
C ARG A 27 -11.87 -1.86 -5.69
N ALA A 28 -12.41 -1.92 -4.48
CA ALA A 28 -13.18 -0.82 -3.89
C ALA A 28 -12.27 0.20 -3.24
N LEU A 29 -12.35 1.43 -3.75
CA LEU A 29 -11.76 2.59 -3.10
C LEU A 29 -12.69 3.01 -1.96
N LYS A 30 -13.99 2.87 -2.18
CA LYS A 30 -15.00 3.14 -1.16
CA LYS A 30 -14.99 3.15 -1.16
C LYS A 30 -16.12 2.15 -1.35
N SER A 31 -16.36 1.31 -0.35
CA SER A 31 -17.51 0.41 -0.40
C SER A 31 -18.68 1.19 0.15
N GLY A 32 -19.89 0.80 -0.23
CA GLY A 32 -21.06 1.54 0.24
C GLY A 32 -22.33 1.00 -0.35
N LYS A 33 -23.35 1.84 -0.35
CA LYS A 33 -24.67 1.49 -0.82
C LYS A 33 -24.86 1.95 -2.24
N GLN A 34 -25.12 0.99 -3.12
CA GLN A 34 -25.29 1.28 -4.51
C GLN A 34 -26.58 2.06 -4.68
N GLY A 35 -26.52 3.15 -5.42
CA GLY A 35 -27.75 3.89 -5.77
C GLY A 35 -28.51 3.28 -6.95
N ASP A 36 -29.68 3.84 -7.26
CA ASP A 36 -30.54 3.38 -8.36
CA ASP A 36 -30.51 3.35 -8.36
C ASP A 36 -30.12 3.95 -9.73
N GLY A 37 -29.26 4.96 -9.73
CA GLY A 37 -28.85 5.62 -10.97
C GLY A 37 -27.78 4.88 -11.79
N PRO A 38 -27.32 5.50 -12.87
CA PRO A 38 -26.37 4.92 -13.82
C PRO A 38 -25.01 4.63 -13.18
N VAL A 39 -24.24 3.76 -13.84
CA VAL A 39 -22.85 3.55 -13.51
C VAL A 39 -22.06 4.57 -14.30
N VAL A 40 -21.24 5.35 -13.59
CA VAL A 40 -20.37 6.37 -14.20
C VAL A 40 -18.93 5.84 -14.20
N TYR A 41 -18.33 5.74 -15.39
CA TYR A 41 -16.91 5.52 -15.53
C TYR A 41 -16.25 6.89 -15.64
N TRP A 42 -15.57 7.28 -14.59
CA TRP A 42 -14.70 8.42 -14.62
C TRP A 42 -13.38 8.02 -15.31
N MET A 43 -13.32 8.34 -16.60
CA MET A 43 -12.17 8.05 -17.42
C MET A 43 -11.08 9.10 -17.21
N SER A 44 -9.86 8.64 -17.00
CA SER A 44 -8.73 9.56 -16.83
C SER A 44 -7.50 9.04 -17.58
N ARG A 45 -6.94 7.91 -17.15
CA ARG A 45 -5.73 7.40 -17.76
C ARG A 45 -5.97 6.68 -19.08
N ASP A 46 -7.07 5.94 -19.18
CA ASP A 46 -7.24 5.02 -20.29
C ASP A 46 -8.29 5.47 -21.29
N GLN A 47 -7.82 6.29 -22.24
CA GLN A 47 -8.72 7.03 -23.12
C GLN A 47 -8.95 6.27 -24.40
N ARG A 48 -9.74 5.21 -24.29
CA ARG A 48 -10.11 4.34 -25.42
C ARG A 48 -11.38 3.57 -25.10
N ALA A 49 -12.05 3.11 -26.15
CA ALA A 49 -13.29 2.35 -26.01
C ALA A 49 -13.06 0.84 -26.18
N GLU A 50 -12.06 0.48 -26.99
CA GLU A 50 -11.66 -0.91 -27.13
C GLU A 50 -10.60 -1.32 -26.09
N ASP A 51 -10.66 -2.58 -25.68
CA ASP A 51 -9.62 -3.20 -24.85
C ASP A 51 -9.40 -2.39 -23.57
N ASN A 52 -10.50 -2.00 -22.95
CA ASN A 52 -10.46 -1.13 -21.76
C ASN A 52 -11.17 -1.82 -20.59
N TRP A 53 -10.42 -2.46 -19.71
CA TRP A 53 -11.04 -3.18 -18.58
C TRP A 53 -11.89 -2.28 -17.68
N ALA A 54 -11.54 -1.00 -17.54
CA ALA A 54 -12.34 -0.11 -16.69
C ALA A 54 -13.73 0.14 -17.26
N LEU A 55 -13.78 0.36 -18.56
CA LEU A 55 -15.03 0.50 -19.28
C LEU A 55 -15.82 -0.80 -19.31
N LEU A 56 -15.13 -1.93 -19.57
CA LEU A 56 -15.78 -3.23 -19.58
C LEU A 56 -16.39 -3.59 -18.23
N PHE A 57 -15.66 -3.37 -17.15
CA PHE A 57 -16.22 -3.59 -15.80
C PHE A 57 -17.39 -2.68 -15.49
N SER A 58 -17.28 -1.41 -15.88
CA SER A 58 -18.37 -0.45 -15.65
C SER A 58 -19.64 -0.92 -16.37
N ARG A 59 -19.46 -1.41 -17.59
CA ARG A 59 -20.57 -1.92 -18.38
C ARG A 59 -21.19 -3.16 -17.76
N ALA A 60 -20.36 -4.03 -17.18
CA ALA A 60 -20.82 -5.22 -16.49
C ALA A 60 -21.57 -4.90 -15.19
N ILE A 61 -21.04 -3.96 -14.42
CA ILE A 61 -21.72 -3.49 -13.23
C ILE A 61 -23.10 -2.93 -13.60
N ALA A 62 -23.16 -2.13 -14.67
CA ALA A 62 -24.41 -1.54 -15.14
C ALA A 62 -25.40 -2.62 -15.56
N LYS A 63 -24.93 -3.61 -16.32
CA LYS A 63 -25.76 -4.70 -16.75
C LYS A 63 -26.42 -5.44 -15.56
N GLU A 64 -25.62 -5.75 -14.54
CA GLU A 64 -26.11 -6.43 -13.36
C GLU A 64 -27.15 -5.59 -12.62
N ALA A 65 -26.94 -4.27 -12.56
CA ALA A 65 -27.86 -3.37 -11.87
C ALA A 65 -29.05 -2.97 -12.74
N ASN A 66 -29.05 -3.42 -13.98
CA ASN A 66 -30.01 -3.01 -14.99
C ASN A 66 -30.12 -1.49 -15.15
N VAL A 67 -28.97 -0.80 -15.23
CA VAL A 67 -28.93 0.64 -15.47
C VAL A 67 -27.98 0.93 -16.64
N PRO A 68 -28.00 2.16 -17.18
CA PRO A 68 -26.99 2.50 -18.20
C PRO A 68 -25.62 2.75 -17.61
N VAL A 69 -24.60 2.59 -18.45
CA VAL A 69 -23.25 3.04 -18.18
C VAL A 69 -23.02 4.32 -18.98
N VAL A 70 -22.34 5.27 -18.35
CA VAL A 70 -21.92 6.51 -18.98
C VAL A 70 -20.44 6.77 -18.64
N VAL A 71 -19.83 7.63 -19.43
CA VAL A 71 -18.45 8.00 -19.27
C VAL A 71 -18.40 9.47 -18.99
N VAL A 72 -17.54 9.84 -18.04
CA VAL A 72 -17.28 11.24 -17.78
C VAL A 72 -15.77 11.50 -17.76
N PHE A 73 -15.41 12.68 -18.25
CA PHE A 73 -14.03 13.14 -18.31
C PHE A 73 -13.98 14.57 -17.78
N CYS A 74 -12.98 14.85 -16.95
CA CYS A 74 -12.81 16.20 -16.42
C CYS A 74 -11.48 16.80 -16.87
N LEU A 75 -11.58 17.82 -17.71
CA LEU A 75 -10.42 18.51 -18.25
C LEU A 75 -9.90 19.54 -17.26
N THR A 76 -8.69 19.31 -16.77
CA THR A 76 -7.95 20.20 -15.88
CA THR A 76 -8.07 20.27 -15.87
C THR A 76 -7.23 21.21 -16.74
N ASP A 77 -7.15 22.48 -16.35
CA ASP A 77 -6.38 23.40 -17.19
C ASP A 77 -4.89 23.42 -16.88
N GLU A 78 -4.44 22.64 -15.91
CA GLU A 78 -3.02 22.37 -15.78
C GLU A 78 -2.81 20.94 -15.32
N PHE A 79 -1.80 20.30 -15.88
CA PHE A 79 -1.50 18.91 -15.56
C PHE A 79 -0.01 18.66 -15.70
N LEU A 80 0.67 18.75 -14.56
CA LEU A 80 2.08 18.36 -14.42
C LEU A 80 2.99 18.97 -15.51
N GLU A 81 2.76 20.24 -15.82
CA GLU A 81 3.55 20.99 -16.79
C GLU A 81 3.27 20.65 -18.24
N ALA A 82 2.24 19.87 -18.52
CA ALA A 82 1.82 19.67 -19.91
C ALA A 82 1.49 21.01 -20.60
N GLY A 83 1.85 21.11 -21.88
CA GLY A 83 1.46 22.25 -22.68
C GLY A 83 0.50 21.92 -23.79
N ILE A 84 0.44 22.84 -24.74
CA ILE A 84 -0.47 22.73 -25.87
C ILE A 84 -0.23 21.44 -26.66
N ARG A 85 1.02 21.05 -26.85
CA ARG A 85 1.29 19.86 -27.67
C ARG A 85 0.62 18.59 -27.12
N GLN A 86 0.60 18.44 -25.81
CA GLN A 86 0.00 17.24 -25.18
C GLN A 86 -1.52 17.38 -25.10
N TYR A 87 -2.01 18.55 -24.69
CA TYR A 87 -3.44 18.75 -24.58
C TYR A 87 -4.12 18.57 -25.94
N GLU A 88 -3.50 19.05 -27.02
CA GLU A 88 -4.10 18.92 -28.36
C GLU A 88 -4.11 17.48 -28.84
N PHE A 89 -3.04 16.75 -28.56
CA PHE A 89 -2.97 15.33 -28.90
C PHE A 89 -4.09 14.59 -28.16
N MET A 90 -4.23 14.89 -26.87
CA MET A 90 -5.22 14.24 -26.02
C MET A 90 -6.65 14.55 -26.47
N LEU A 91 -6.92 15.85 -26.64
CA LEU A 91 -8.26 16.28 -27.03
C LEU A 91 -8.71 15.81 -28.42
N LYS A 92 -7.78 15.77 -29.39
CA LYS A 92 -8.09 15.17 -30.69
C LYS A 92 -8.46 13.70 -30.55
N GLY A 93 -7.74 12.99 -29.69
CA GLY A 93 -8.11 11.62 -29.34
C GLY A 93 -9.53 11.54 -28.80
N LEU A 94 -9.85 12.41 -27.85
CA LEU A 94 -11.16 12.38 -27.23
C LEU A 94 -12.28 12.65 -28.21
N GLN A 95 -12.02 13.50 -29.20
CA GLN A 95 -12.99 13.81 -30.24
C GLN A 95 -13.38 12.53 -31.00
N GLU A 96 -12.38 11.71 -31.31
CA GLU A 96 -12.63 10.41 -31.94
C GLU A 96 -13.36 9.46 -30.98
N LEU A 97 -12.92 9.43 -29.72
CA LEU A 97 -13.54 8.59 -28.69
C LEU A 97 -15.04 8.85 -28.51
N GLU A 98 -15.44 10.11 -28.65
CA GLU A 98 -16.84 10.48 -28.51
C GLU A 98 -17.69 9.72 -29.51
N VAL A 99 -17.19 9.66 -30.74
CA VAL A 99 -17.86 8.92 -31.82
C VAL A 99 -17.92 7.42 -31.51
N SER A 100 -16.80 6.84 -31.08
CA SER A 100 -16.78 5.41 -30.74
C SER A 100 -17.74 5.10 -29.61
N LEU A 101 -17.75 5.91 -28.58
CA LEU A 101 -18.68 5.68 -27.46
C LEU A 101 -20.14 5.85 -27.88
N SER A 102 -20.43 6.90 -28.65
CA SER A 102 -21.78 7.11 -29.20
C SER A 102 -22.29 5.95 -30.06
N ARG A 103 -21.41 5.34 -30.85
CA ARG A 103 -21.76 4.13 -31.60
C ARG A 103 -22.19 2.97 -30.71
N LYS A 104 -21.63 2.87 -29.50
CA LYS A 104 -22.05 1.88 -28.50
C LYS A 104 -23.23 2.35 -27.61
N LYS A 105 -23.83 3.50 -27.93
CA LYS A 105 -24.91 4.09 -27.13
C LYS A 105 -24.51 4.38 -25.70
N ILE A 106 -23.23 4.74 -25.54
CA ILE A 106 -22.68 5.13 -24.24
C ILE A 106 -22.47 6.64 -24.22
N PRO A 107 -23.30 7.37 -23.42
CA PRO A 107 -23.13 8.81 -23.33
C PRO A 107 -21.78 9.18 -22.73
N SER A 108 -21.24 10.30 -23.20
CA SER A 108 -20.00 10.85 -22.69
C SER A 108 -20.22 12.29 -22.26
N PHE A 109 -19.86 12.58 -21.01
CA PHE A 109 -20.02 13.88 -20.41
C PHE A 109 -18.68 14.54 -20.12
N PHE A 110 -18.69 15.87 -20.09
CA PHE A 110 -17.45 16.63 -20.02
C PHE A 110 -17.53 17.66 -18.90
N LEU A 111 -16.48 17.72 -18.09
CA LEU A 111 -16.38 18.67 -17.01
C LEU A 111 -15.08 19.45 -17.19
N ARG A 112 -15.03 20.63 -16.58
CA ARG A 112 -13.81 21.44 -16.58
CA ARG A 112 -13.83 21.47 -16.58
C ARG A 112 -13.47 21.87 -15.16
N GLY A 113 -12.20 21.72 -14.80
CA GLY A 113 -11.71 22.11 -13.50
C GLY A 113 -11.01 20.99 -12.77
N ASP A 114 -11.00 21.09 -11.44
CA ASP A 114 -10.33 20.14 -10.57
C ASP A 114 -11.21 18.91 -10.44
N PRO A 115 -10.76 17.74 -10.94
CA PRO A 115 -11.57 16.51 -10.88
C PRO A 115 -12.05 16.13 -9.46
N GLY A 116 -11.24 16.44 -8.46
CA GLY A 116 -11.64 16.29 -7.06
C GLY A 116 -13.01 16.87 -6.80
N GLU A 117 -13.16 18.16 -7.08
CA GLU A 117 -14.43 18.86 -6.91
C GLU A 117 -15.46 18.45 -7.94
N LYS A 118 -15.06 18.38 -9.20
CA LYS A 118 -16.03 18.27 -10.28
C LYS A 118 -16.69 16.92 -10.34
N ILE A 119 -15.92 15.87 -10.11
CA ILE A 119 -16.44 14.50 -10.23
C ILE A 119 -17.46 14.22 -9.12
N SER A 120 -17.17 14.64 -7.89
CA SER A 120 -18.10 14.41 -6.78
C SER A 120 -19.39 15.18 -7.01
N ARG A 121 -19.29 16.40 -7.54
CA ARG A 121 -20.49 17.20 -7.86
C ARG A 121 -21.30 16.57 -9.01
N PHE A 122 -20.63 16.01 -10.00
CA PHE A 122 -21.30 15.31 -11.10
C PHE A 122 -22.03 14.06 -10.61
N VAL A 123 -21.39 13.33 -9.69
CA VAL A 123 -22.01 12.15 -9.11
C VAL A 123 -23.35 12.52 -8.45
N LYS A 124 -23.38 13.63 -7.72
CA LYS A 124 -24.63 14.16 -7.16
C LYS A 124 -25.59 14.63 -8.26
N ASP A 125 -25.13 15.52 -9.13
CA ASP A 125 -26.00 16.11 -10.16
C ASP A 125 -26.59 15.09 -11.11
N TYR A 126 -25.82 14.05 -11.45
CA TYR A 126 -26.29 13.03 -12.39
C TYR A 126 -26.92 11.81 -11.68
N ASN A 127 -27.01 11.87 -10.35
CA ASN A 127 -27.55 10.78 -9.54
C ASN A 127 -26.93 9.41 -9.84
N ALA A 128 -25.61 9.37 -9.97
CA ALA A 128 -24.91 8.12 -10.23
C ALA A 128 -25.18 7.15 -9.10
N GLY A 129 -25.37 5.89 -9.46
CA GLY A 129 -25.51 4.84 -8.46
C GLY A 129 -24.19 4.16 -8.10
N THR A 130 -23.21 4.21 -9.01
CA THR A 130 -21.90 3.59 -8.80
C THR A 130 -20.87 4.42 -9.55
N LEU A 131 -19.67 4.55 -8.98
CA LEU A 131 -18.56 5.24 -9.66
C LEU A 131 -17.38 4.28 -9.86
N VAL A 132 -16.82 4.32 -11.06
CA VAL A 132 -15.65 3.51 -11.40
C VAL A 132 -14.64 4.42 -12.06
N THR A 133 -13.37 4.23 -11.73
CA THR A 133 -12.31 4.89 -12.43
C THR A 133 -11.22 3.92 -12.84
N ASP A 134 -10.33 4.39 -13.69
CA ASP A 134 -9.13 3.61 -14.06
C ASP A 134 -8.00 3.86 -13.05
N PHE A 135 -6.89 3.15 -13.22
CA PHE A 135 -5.81 3.15 -12.22
C PHE A 135 -4.62 3.98 -12.68
N SER A 136 -4.17 4.88 -11.82
CA SER A 136 -2.89 5.54 -12.00
C SER A 136 -2.21 5.63 -10.66
N PRO A 137 -0.90 5.37 -10.61
CA PRO A 137 -0.19 5.49 -9.33
C PRO A 137 0.35 6.91 -9.04
N LEU A 138 0.04 7.89 -9.88
CA LEU A 138 0.61 9.24 -9.69
C LEU A 138 -0.05 9.95 -8.52
N ARG A 139 0.72 10.78 -7.84
CA ARG A 139 0.23 11.51 -6.66
C ARG A 139 -1.07 12.27 -6.96
N ILE A 140 -1.10 12.94 -8.10
CA ILE A 140 -2.23 13.79 -8.46
C ILE A 140 -3.54 13.00 -8.54
N LYS A 141 -3.48 11.78 -9.08
CA LYS A 141 -4.68 10.96 -9.11
C LYS A 141 -5.12 10.58 -7.68
N ASN A 142 -4.18 10.25 -6.79
CA ASN A 142 -4.48 9.98 -5.37
CA ASN A 142 -4.55 9.96 -5.40
C ASN A 142 -5.17 11.17 -4.71
N GLN A 143 -4.68 12.36 -5.02
CA GLN A 143 -5.27 13.58 -4.44
C GLN A 143 -6.69 13.79 -4.92
N TRP A 144 -6.93 13.63 -6.22
CA TRP A 144 -8.28 13.73 -6.75
C TRP A 144 -9.21 12.69 -6.09
N ILE A 145 -8.73 11.45 -6.01
CA ILE A 145 -9.51 10.36 -5.43
C ILE A 145 -9.87 10.67 -3.97
N GLU A 146 -8.91 11.14 -3.18
CA GLU A 146 -9.22 11.50 -1.78
C GLU A 146 -10.34 12.52 -1.69
N LYS A 147 -10.32 13.50 -2.59
CA LYS A 147 -11.34 14.54 -2.56
C LYS A 147 -12.70 13.96 -2.97
N VAL A 148 -12.71 13.12 -4.01
CA VAL A 148 -13.96 12.52 -4.47
C VAL A 148 -14.57 11.68 -3.34
N ILE A 149 -13.77 10.83 -2.70
CA ILE A 149 -14.27 9.96 -1.64
C ILE A 149 -14.97 10.77 -0.55
N SER A 150 -14.36 11.90 -0.18
CA SER A 150 -14.93 12.74 0.85
C SER A 150 -16.27 13.32 0.44
N GLY A 151 -16.59 13.32 -0.85
CA GLY A 151 -17.80 13.99 -1.35
C GLY A 151 -18.89 13.12 -1.94
N ILE A 152 -18.77 11.79 -1.84
CA ILE A 152 -19.76 10.90 -2.41
C ILE A 152 -20.28 9.95 -1.35
N SER A 153 -21.39 9.30 -1.62
CA SER A 153 -21.94 8.34 -0.69
C SER A 153 -22.42 7.10 -1.44
N ILE A 154 -21.74 6.80 -2.54
CA ILE A 154 -22.02 5.61 -3.36
C ILE A 154 -20.72 4.79 -3.46
N PRO A 155 -20.81 3.52 -3.88
CA PRO A 155 -19.58 2.74 -4.05
C PRO A 155 -18.67 3.29 -5.15
N PHE A 156 -17.35 3.22 -4.93
CA PHE A 156 -16.36 3.79 -5.84
C PHE A 156 -15.30 2.72 -6.07
N PHE A 157 -15.17 2.24 -7.30
CA PHE A 157 -14.21 1.18 -7.63
C PHE A 157 -13.10 1.72 -8.50
N GLU A 158 -11.97 1.02 -8.47
CA GLU A 158 -10.85 1.29 -9.30
C GLU A 158 -10.54 0.03 -10.10
N VAL A 159 -10.27 0.21 -11.38
CA VAL A 159 -9.90 -0.89 -12.26
C VAL A 159 -8.57 -0.60 -12.90
N ASP A 160 -7.63 -1.55 -12.81
CA ASP A 160 -6.37 -1.42 -13.52
C ASP A 160 -6.60 -1.81 -14.99
N ALA A 161 -6.68 -0.79 -15.82
CA ALA A 161 -6.88 -0.95 -17.26
C ALA A 161 -5.58 -0.77 -18.05
N HIS A 162 -4.49 -0.43 -17.36
CA HIS A 162 -3.27 -0.03 -18.03
C HIS A 162 -2.24 -1.14 -18.05
N ASN A 163 -2.23 -1.95 -17.01
CA ASN A 163 -1.30 -3.06 -16.85
C ASN A 163 -1.95 -4.37 -17.20
N VAL A 164 -1.17 -5.28 -17.77
CA VAL A 164 -1.61 -6.66 -17.99
C VAL A 164 -1.95 -7.34 -16.65
N VAL A 165 -1.07 -7.18 -15.67
CA VAL A 165 -1.31 -7.71 -14.33
C VAL A 165 -1.60 -6.50 -13.44
N PRO A 166 -2.75 -6.50 -12.73
CA PRO A 166 -3.03 -5.33 -11.90
C PRO A 166 -1.83 -4.98 -11.01
N CYS A 167 -1.53 -3.69 -10.92
CA CYS A 167 -0.33 -3.25 -10.23
C CYS A 167 -0.22 -3.78 -8.77
N TRP A 168 -1.34 -3.79 -8.08
CA TRP A 168 -1.38 -4.23 -6.68
C TRP A 168 -1.33 -5.75 -6.53
N GLU A 169 -1.50 -6.48 -7.64
CA GLU A 169 -1.39 -7.93 -7.66
C GLU A 169 -0.01 -8.38 -8.06
N ALA A 170 0.68 -7.65 -8.95
CA ALA A 170 1.93 -8.14 -9.51
C ALA A 170 2.97 -8.32 -8.43
N SER A 171 2.98 -7.39 -7.48
CA SER A 171 3.86 -7.44 -6.35
C SER A 171 3.23 -6.66 -5.21
N GLN A 172 3.54 -7.09 -3.99
CA GLN A 172 3.09 -6.43 -2.78
C GLN A 172 4.07 -5.35 -2.32
N LYS A 173 5.13 -5.09 -3.09
CA LYS A 173 6.13 -4.10 -2.66
C LYS A 173 6.96 -3.53 -3.81
N HIS A 174 7.72 -2.49 -3.50
CA HIS A 174 8.73 -1.96 -4.40
C HIS A 174 9.69 -3.07 -4.77
N GLU A 175 9.91 -3.25 -6.07
CA GLU A 175 10.87 -4.23 -6.57
C GLU A 175 12.20 -3.55 -6.89
N TYR A 176 13.29 -3.99 -6.27
CA TYR A 176 14.56 -3.30 -6.47
C TYR A 176 15.19 -3.51 -7.85
N ALA A 177 14.79 -4.55 -8.56
CA ALA A 177 15.40 -4.83 -9.85
C ALA A 177 14.40 -5.49 -10.79
N ALA A 178 14.64 -5.32 -12.08
CA ALA A 178 13.87 -6.04 -13.09
C ALA A 178 13.94 -7.55 -12.85
N HIS A 179 15.10 -8.05 -12.42
CA HIS A 179 15.25 -9.49 -12.22
C HIS A 179 14.46 -10.05 -11.03
N THR A 180 14.04 -9.22 -10.09
CA THR A 180 13.14 -9.66 -9.00
C THR A 180 11.66 -9.51 -9.41
N PHE A 181 11.34 -8.49 -10.22
CA PHE A 181 9.98 -8.28 -10.70
C PHE A 181 9.56 -9.33 -11.73
N ARG A 182 10.48 -9.61 -12.65
CA ARG A 182 10.22 -10.42 -13.85
C ARG A 182 9.60 -11.81 -13.55
N PRO A 183 10.16 -12.56 -12.57
CA PRO A 183 9.53 -13.86 -12.27
C PRO A 183 8.15 -13.73 -11.64
N LYS A 184 7.92 -12.67 -10.85
CA LYS A 184 6.61 -12.46 -10.29
C LYS A 184 5.61 -12.14 -11.40
N LEU A 185 6.00 -11.28 -12.34
CA LEU A 185 5.10 -10.85 -13.40
C LEU A 185 4.84 -12.02 -14.33
N TYR A 186 5.91 -12.69 -14.74
CA TYR A 186 5.75 -13.81 -15.70
C TYR A 186 4.92 -14.97 -15.13
N ALA A 187 4.99 -15.20 -13.82
CA ALA A 187 4.18 -16.25 -13.21
C ALA A 187 2.68 -15.94 -13.27
N LEU A 188 2.32 -14.67 -13.41
CA LEU A 188 0.92 -14.25 -13.43
C LEU A 188 0.35 -13.98 -14.83
N LEU A 189 1.17 -14.13 -15.86
CA LEU A 189 0.71 -13.94 -17.22
C LEU A 189 -0.33 -15.00 -17.64
N PRO A 190 -0.15 -16.27 -17.21
CA PRO A 190 -1.17 -17.25 -17.58
C PRO A 190 -2.57 -16.88 -17.11
N GLU A 191 -2.67 -16.27 -15.93
CA GLU A 191 -3.96 -15.79 -15.47
C GLU A 191 -4.42 -14.52 -16.21
N PHE A 192 -3.52 -13.54 -16.34
CA PHE A 192 -3.92 -12.17 -16.71
C PHE A 192 -3.71 -11.78 -18.18
N LEU A 193 -2.81 -12.47 -18.89
CA LEU A 193 -2.61 -12.18 -20.31
C LEU A 193 -3.66 -12.95 -21.10
N GLU A 194 -4.74 -12.25 -21.41
CA GLU A 194 -5.91 -12.84 -22.01
C GLU A 194 -6.57 -11.90 -23.02
N GLU A 195 -7.41 -12.47 -23.89
CA GLU A 195 -8.23 -11.67 -24.80
C GLU A 195 -9.24 -10.84 -24.05
N PHE A 196 -9.70 -9.77 -24.69
CA PHE A 196 -10.75 -8.91 -24.16
C PHE A 196 -12.09 -9.31 -24.72
N PRO A 197 -13.16 -9.30 -23.89
CA PRO A 197 -14.49 -9.42 -24.48
C PRO A 197 -14.87 -8.14 -25.22
N GLU A 198 -15.84 -8.27 -26.13
CA GLU A 198 -16.44 -7.11 -26.78
C GLU A 198 -17.23 -6.26 -25.76
N LEU A 199 -17.17 -4.94 -25.92
CA LEU A 199 -18.00 -4.05 -25.13
C LEU A 199 -19.44 -4.10 -25.66
N GLU A 200 -20.37 -4.47 -24.79
CA GLU A 200 -21.80 -4.50 -25.13
C GLU A 200 -22.36 -3.10 -25.12
N PRO A 201 -23.07 -2.72 -26.20
CA PRO A 201 -23.75 -1.42 -26.14
C PRO A 201 -24.75 -1.34 -24.98
N ASN A 202 -25.11 -0.13 -24.58
CA ASN A 202 -26.22 0.07 -23.66
C ASN A 202 -27.50 -0.45 -24.30
N SER A 203 -28.36 -1.04 -23.47
CA SER A 203 -29.72 -1.38 -23.85
C SER A 203 -30.72 -0.55 -23.05
N VAL A 204 -30.29 -0.05 -21.89
CA VAL A 204 -31.13 0.79 -21.07
C VAL A 204 -30.84 2.23 -21.46
N THR A 205 -31.89 3.01 -21.68
CA THR A 205 -31.77 4.41 -22.06
C THR A 205 -31.76 5.32 -20.82
N PRO A 206 -30.83 6.30 -20.77
CA PRO A 206 -30.93 7.31 -19.71
C PRO A 206 -32.05 8.32 -19.97
N GLU A 207 -32.05 8.91 -21.17
CA GLU A 207 -32.91 10.05 -21.52
C GLU A 207 -32.46 11.31 -20.77
N LEU A 208 -31.19 11.31 -20.38
CA LEU A 208 -30.64 12.25 -19.38
C LEU A 208 -29.14 12.40 -19.57
N GLY A 213 -28.87 19.15 -18.60
CA GLY A 213 -29.39 19.91 -17.47
C GLY A 213 -28.47 21.09 -17.18
N MET A 214 -27.49 20.86 -16.32
CA MET A 214 -26.27 21.67 -16.32
C MET A 214 -25.14 20.81 -16.91
N VAL A 215 -25.41 19.53 -17.22
CA VAL A 215 -24.37 18.61 -17.72
C VAL A 215 -24.22 18.71 -19.24
N GLU A 216 -23.01 19.00 -19.69
CA GLU A 216 -22.72 19.05 -21.10
C GLU A 216 -22.13 17.74 -21.52
N THR A 217 -22.48 17.31 -22.72
CA THR A 217 -21.86 16.16 -23.32
C THR A 217 -20.51 16.52 -23.93
N LEU A 218 -19.67 15.51 -24.10
CA LEU A 218 -18.43 15.66 -24.84
C LEU A 218 -18.69 16.17 -26.27
N SER A 219 -19.72 15.64 -26.89
CA SER A 219 -20.22 16.15 -28.17
C SER A 219 -20.47 17.67 -28.13
N ASP A 220 -21.22 18.13 -27.13
CA ASP A 220 -21.56 19.55 -26.97
C ASP A 220 -20.31 20.40 -26.96
N VAL A 221 -19.36 20.05 -26.09
CA VAL A 221 -18.21 20.91 -25.87
C VAL A 221 -17.28 20.92 -27.08
N LEU A 222 -17.41 19.95 -27.96
CA LEU A 222 -16.53 19.84 -29.13
C LEU A 222 -17.14 20.47 -30.40
N GLU A 223 -18.35 21.02 -30.28
CA GLU A 223 -19.03 21.58 -31.45
C GLU A 223 -18.28 22.71 -32.12
N THR A 224 -17.46 23.45 -31.40
CA THR A 224 -16.69 24.53 -31.99
C THR A 224 -15.22 24.17 -32.21
N GLY A 225 -14.89 22.88 -32.07
CA GLY A 225 -13.54 22.38 -32.29
C GLY A 225 -12.71 22.13 -31.04
N VAL A 226 -11.55 21.53 -31.25
CA VAL A 226 -10.61 21.19 -30.19
C VAL A 226 -9.83 22.41 -29.70
N LYS A 227 -9.47 23.31 -30.60
CA LYS A 227 -8.66 24.48 -30.20
C LYS A 227 -9.30 25.32 -29.11
N ALA A 228 -10.62 25.47 -29.20
CA ALA A 228 -11.38 26.21 -28.18
C ALA A 228 -11.20 25.66 -26.76
N LEU A 229 -10.89 24.37 -26.64
CA LEU A 229 -10.73 23.69 -25.35
C LEU A 229 -9.32 23.73 -24.77
N LEU A 230 -8.34 24.22 -25.53
CA LEU A 230 -6.95 24.19 -25.09
C LEU A 230 -6.73 25.17 -23.94
N PRO A 231 -5.90 24.78 -22.94
CA PRO A 231 -5.70 25.66 -21.80
C PRO A 231 -5.05 26.97 -22.19
N GLU A 232 -5.63 28.07 -21.73
CA GLU A 232 -5.10 29.37 -22.05
C GLU A 232 -3.73 29.56 -21.44
N ARG A 233 -3.62 29.15 -20.17
CA ARG A 233 -2.37 29.31 -19.45
C ARG A 233 -1.18 28.63 -20.14
N ALA A 234 -1.42 27.49 -20.79
CA ALA A 234 -0.36 26.79 -21.50
C ALA A 234 0.16 27.65 -22.66
N LEU A 235 -0.77 28.15 -23.49
CA LEU A 235 -0.39 28.89 -24.68
C LEU A 235 0.41 30.12 -24.31
N LEU A 236 0.01 30.76 -23.22
CA LEU A 236 0.64 32.00 -22.76
C LEU A 236 2.04 31.76 -22.21
N LYS A 237 2.23 30.64 -21.51
CA LYS A 237 3.52 30.25 -20.94
C LYS A 237 4.52 29.81 -22.03
N ASN A 238 4.03 29.14 -23.07
CA ASN A 238 4.89 28.71 -24.16
C ASN A 238 4.12 28.52 -25.47
N LYS A 239 4.47 29.33 -26.47
CA LYS A 239 3.91 29.20 -27.82
C LYS A 239 4.40 27.95 -28.52
N ASP A 240 5.54 27.41 -28.07
CA ASP A 240 6.04 26.09 -28.52
C ASP A 240 6.32 26.15 -30.00
N PRO A 241 7.19 27.09 -30.41
CA PRO A 241 7.39 27.33 -31.84
C PRO A 241 8.01 26.15 -32.59
N LEU A 242 8.82 25.33 -31.94
CA LEU A 242 9.55 24.28 -32.66
C LEU A 242 8.77 22.98 -32.87
N PHE A 243 7.66 22.78 -32.17
CA PHE A 243 6.93 21.51 -32.26
C PHE A 243 6.40 21.22 -33.67
N GLU A 244 6.61 20.00 -34.13
CA GLU A 244 6.13 19.56 -35.44
C GLU A 244 5.01 18.55 -35.23
N PRO A 245 3.74 18.96 -35.44
CA PRO A 245 2.62 18.09 -35.08
C PRO A 245 2.37 16.90 -36.00
N TRP A 246 3.05 16.82 -37.13
CA TRP A 246 2.74 15.75 -38.10
C TRP A 246 3.38 14.39 -37.84
N HIS A 247 4.27 14.25 -36.87
CA HIS A 247 4.91 12.94 -36.63
C HIS A 247 3.97 11.86 -36.05
N PHE A 248 3.02 12.23 -35.19
CA PHE A 248 2.12 11.26 -34.55
C PHE A 248 0.70 11.75 -34.65
N GLU A 249 -0.13 11.04 -35.39
CA GLU A 249 -1.54 11.37 -35.49
C GLU A 249 -2.23 10.75 -34.24
N PRO A 250 -3.05 11.53 -33.54
CA PRO A 250 -3.72 11.00 -32.34
C PRO A 250 -4.89 10.07 -32.60
N GLY A 251 -5.20 9.27 -31.59
CA GLY A 251 -6.45 8.54 -31.48
C GLY A 251 -6.30 7.04 -31.58
N GLU A 252 -7.34 6.33 -31.17
CA GLU A 252 -7.36 4.86 -31.23
C GLU A 252 -7.07 4.29 -32.61
N LYS A 253 -7.68 4.83 -33.66
CA LYS A 253 -7.47 4.27 -35.00
C LYS A 253 -6.02 4.38 -35.42
N ALA A 254 -5.43 5.56 -35.19
CA ALA A 254 -4.06 5.80 -35.57
C ALA A 254 -3.09 4.90 -34.77
N ALA A 255 -3.36 4.73 -33.48
CA ALA A 255 -2.55 3.84 -32.61
C ALA A 255 -2.48 2.42 -33.16
N LYS A 256 -3.63 1.92 -33.61
CA LYS A 256 -3.74 0.61 -34.20
C LYS A 256 -2.89 0.50 -35.47
N LYS A 257 -2.95 1.52 -36.32
CA LYS A 257 -2.11 1.61 -37.51
C LYS A 257 -0.64 1.56 -37.14
N VAL A 258 -0.30 2.30 -36.08
CA VAL A 258 1.09 2.36 -35.65
C VAL A 258 1.54 1.00 -35.15
N MET A 259 0.69 0.30 -34.39
CA MET A 259 1.03 -1.02 -33.92
C MET A 259 1.20 -2.00 -35.12
N GLU A 260 0.27 -1.94 -36.05
CA GLU A 260 0.33 -2.84 -37.21
C GLU A 260 1.57 -2.60 -38.08
N SER A 261 1.96 -1.34 -38.26
CA SER A 261 3.18 -1.05 -39.01
C SER A 261 4.44 -1.48 -38.25
N PHE A 262 4.43 -1.35 -36.93
CA PHE A 262 5.54 -1.83 -36.12
C PHE A 262 5.75 -3.31 -36.39
N ILE A 263 4.69 -4.08 -36.20
CA ILE A 263 4.75 -5.51 -36.35
C ILE A 263 5.20 -5.93 -37.76
N ALA A 264 4.61 -5.29 -38.78
CA ALA A 264 4.92 -5.57 -40.18
C ALA A 264 6.33 -5.15 -40.63
N ASP A 265 6.80 -3.98 -40.20
CA ASP A 265 7.98 -3.35 -40.81
C ASP A 265 9.18 -3.18 -39.86
N ARG A 266 8.94 -3.08 -38.55
CA ARG A 266 10.00 -2.70 -37.61
C ARG A 266 10.36 -3.80 -36.60
N LEU A 267 9.39 -4.61 -36.20
CA LEU A 267 9.62 -5.61 -35.16
C LEU A 267 10.78 -6.55 -35.46
N ASP A 268 10.90 -7.02 -36.69
CA ASP A 268 11.98 -7.96 -37.01
C ASP A 268 13.38 -7.40 -36.72
N SER A 269 13.58 -6.11 -36.95
CA SER A 269 14.86 -5.43 -36.70
C SER A 269 15.01 -4.76 -35.31
N TYR A 270 13.93 -4.79 -34.53
CA TYR A 270 13.93 -4.15 -33.22
C TYR A 270 15.08 -4.62 -32.32
N GLY A 271 15.30 -5.91 -32.25
CA GLY A 271 16.33 -6.43 -31.36
C GLY A 271 17.73 -5.93 -31.70
N ALA A 272 18.04 -5.83 -32.99
CA ALA A 272 19.35 -5.34 -33.40
C ALA A 272 19.49 -3.82 -33.30
N LEU A 273 18.40 -3.08 -33.53
CA LEU A 273 18.49 -1.63 -33.81
C LEU A 273 17.79 -0.71 -32.81
N ARG A 274 17.18 -1.28 -31.78
CA ARG A 274 16.48 -0.49 -30.77
C ARG A 274 17.37 0.50 -30.06
N ASN A 275 18.68 0.23 -29.99
CA ASN A 275 19.61 1.16 -29.34
C ASN A 275 20.31 2.10 -30.32
N ASP A 276 19.84 2.15 -31.57
CA ASP A 276 20.42 3.04 -32.56
C ASP A 276 19.46 4.18 -32.88
N PRO A 277 19.70 5.36 -32.33
CA PRO A 277 18.78 6.47 -32.53
C PRO A 277 18.76 7.05 -33.93
N THR A 278 19.63 6.60 -34.84
CA THR A 278 19.55 7.02 -36.25
C THR A 278 18.60 6.13 -37.05
N LYS A 279 18.11 5.06 -36.44
CA LYS A 279 17.15 4.20 -37.10
C LYS A 279 15.78 4.33 -36.45
N ASN A 280 14.75 4.43 -37.29
CA ASN A 280 13.37 4.52 -36.81
C ASN A 280 12.87 3.09 -36.67
N MET A 281 13.39 2.36 -35.69
CA MET A 281 13.02 0.97 -35.51
C MET A 281 12.26 0.69 -34.23
N LEU A 282 11.90 1.73 -33.49
CA LEU A 282 11.06 1.53 -32.31
C LEU A 282 9.62 1.43 -32.74
N SER A 283 8.76 1.03 -31.81
CA SER A 283 7.34 0.89 -32.13
C SER A 283 6.65 2.20 -32.42
N ASN A 284 7.14 3.27 -31.78
CA ASN A 284 6.49 4.58 -31.71
C ASN A 284 5.11 4.61 -31.03
N LEU A 285 4.86 3.64 -30.15
CA LEU A 285 3.58 3.50 -29.48
C LEU A 285 3.42 4.35 -28.23
N SER A 286 4.53 4.80 -27.66
CA SER A 286 4.49 5.47 -26.36
C SER A 286 3.49 6.61 -26.16
N PRO A 287 3.32 7.54 -27.14
CA PRO A 287 2.28 8.57 -26.90
C PRO A 287 0.88 7.97 -26.72
N TYR A 288 0.58 6.98 -27.56
CA TYR A 288 -0.68 6.27 -27.52
C TYR A 288 -0.84 5.48 -26.24
N LEU A 289 0.25 4.82 -25.80
CA LEU A 289 0.18 4.07 -24.55
C LEU A 289 0.00 4.99 -23.38
N HIS A 290 0.74 6.08 -23.37
CA HIS A 290 0.63 7.06 -22.30
C HIS A 290 -0.81 7.58 -22.10
N PHE A 291 -1.47 7.95 -23.20
CA PHE A 291 -2.83 8.46 -23.11
C PHE A 291 -3.88 7.33 -23.07
N GLY A 292 -3.42 6.08 -23.08
CA GLY A 292 -4.32 4.93 -23.07
C GLY A 292 -5.20 4.89 -24.30
N GLN A 293 -4.70 5.42 -25.42
CA GLN A 293 -5.40 5.32 -26.68
C GLN A 293 -5.23 3.93 -27.31
N ILE A 294 -4.32 3.14 -26.76
CA ILE A 294 -4.22 1.72 -27.09
C ILE A 294 -3.79 0.94 -25.86
N SER A 295 -4.20 -0.34 -25.78
CA SER A 295 -3.92 -1.20 -24.63
C SER A 295 -2.58 -1.88 -24.81
N SER A 296 -1.72 -1.87 -23.79
CA SER A 296 -0.48 -2.66 -23.85
C SER A 296 -0.78 -4.16 -23.90
N GLN A 297 -1.83 -4.58 -23.23
CA GLN A 297 -2.26 -5.99 -23.28
C GLN A 297 -2.59 -6.42 -24.71
N ARG A 298 -3.29 -5.55 -25.44
CA ARG A 298 -3.56 -5.75 -26.86
C ARG A 298 -2.28 -5.87 -27.68
N VAL A 299 -1.36 -4.94 -27.47
CA VAL A 299 -0.10 -4.93 -28.20
C VAL A 299 0.65 -6.24 -27.95
N VAL A 300 0.69 -6.68 -26.68
CA VAL A 300 1.38 -7.93 -26.33
C VAL A 300 0.72 -9.10 -27.05
N LEU A 301 -0.61 -9.16 -27.05
CA LEU A 301 -1.30 -10.25 -27.73
C LEU A 301 -0.97 -10.31 -29.23
N GLU A 302 -0.93 -9.15 -29.87
CA GLU A 302 -0.67 -9.12 -31.31
C GLU A 302 0.79 -9.45 -31.62
N VAL A 303 1.71 -8.97 -30.80
CA VAL A 303 3.14 -9.31 -30.98
C VAL A 303 3.38 -10.82 -30.78
N GLU A 304 2.71 -11.39 -29.78
CA GLU A 304 2.78 -12.83 -29.57
C GLU A 304 2.34 -13.60 -30.81
N LYS A 305 1.33 -13.12 -31.52
CA LYS A 305 0.82 -13.82 -32.72
C LYS A 305 1.72 -13.65 -33.95
N ALA A 306 2.57 -12.63 -33.95
CA ALA A 306 3.37 -12.31 -35.14
C ALA A 306 4.52 -13.28 -35.32
N GLU A 307 4.80 -13.65 -36.56
CA GLU A 307 5.97 -14.44 -36.85
C GLU A 307 7.12 -13.46 -37.08
N SER A 308 8.03 -13.38 -36.12
CA SER A 308 9.15 -12.46 -36.23
C SER A 308 10.36 -13.06 -35.52
N ASN A 309 11.48 -12.37 -35.59
CA ASN A 309 12.69 -12.79 -34.94
C ASN A 309 12.45 -13.03 -33.41
N PRO A 310 12.82 -14.21 -32.87
CA PRO A 310 12.59 -14.44 -31.43
C PRO A 310 13.32 -13.46 -30.53
N GLY A 311 14.54 -13.11 -30.92
CA GLY A 311 15.33 -12.10 -30.19
C GLY A 311 14.62 -10.75 -30.11
N SER A 312 14.10 -10.27 -31.23
CA SER A 312 13.34 -9.03 -31.26
C SER A 312 12.08 -9.11 -30.43
N LYS A 313 11.33 -10.20 -30.56
CA LYS A 313 10.11 -10.33 -29.74
C LYS A 313 10.42 -10.33 -28.24
N LYS A 314 11.43 -11.08 -27.82
CA LYS A 314 11.80 -11.12 -26.39
C LYS A 314 12.18 -9.73 -25.87
N ALA A 315 12.96 -9.00 -26.66
CA ALA A 315 13.42 -7.68 -26.27
C ALA A 315 12.23 -6.72 -26.17
N PHE A 316 11.36 -6.74 -27.19
CA PHE A 316 10.22 -5.84 -27.18
C PHE A 316 9.28 -6.16 -26.01
N LEU A 317 8.99 -7.44 -25.81
CA LEU A 317 8.08 -7.84 -24.76
C LEU A 317 8.63 -7.50 -23.36
N ASP A 318 9.93 -7.62 -23.15
CA ASP A 318 10.51 -7.25 -21.86
C ASP A 318 10.34 -5.75 -21.60
N GLU A 319 10.41 -4.91 -22.63
CA GLU A 319 10.20 -3.48 -22.45
C GLU A 319 8.76 -3.14 -22.07
N ILE A 320 7.80 -3.64 -22.84
CA ILE A 320 6.39 -3.24 -22.68
C ILE A 320 5.72 -3.98 -21.50
N LEU A 321 6.27 -5.12 -21.09
CA LEU A 321 5.78 -5.86 -19.91
C LEU A 321 6.61 -5.51 -18.68
N ILE A 322 7.88 -5.87 -18.68
CA ILE A 322 8.67 -5.73 -17.47
C ILE A 322 8.97 -4.28 -17.16
N TRP A 323 9.60 -3.55 -18.09
CA TRP A 323 10.00 -2.17 -17.76
C TRP A 323 8.84 -1.20 -17.59
N LYS A 324 7.80 -1.35 -18.40
CA LYS A 324 6.62 -0.53 -18.24
C LYS A 324 5.91 -0.84 -16.92
N GLU A 325 5.69 -2.11 -16.59
CA GLU A 325 4.91 -2.41 -15.40
C GLU A 325 5.72 -2.19 -14.11
N ILE A 326 7.05 -2.37 -14.15
CA ILE A 326 7.86 -2.04 -12.99
C ILE A 326 7.88 -0.52 -12.72
N SER A 327 7.58 0.29 -13.73
CA SER A 327 7.46 1.74 -13.54
C SER A 327 6.20 2.09 -12.75
N ASP A 328 5.07 1.43 -13.04
CA ASP A 328 3.89 1.55 -12.18
C ASP A 328 4.18 1.05 -10.77
N ASN A 329 4.89 -0.07 -10.65
CA ASN A 329 5.31 -0.61 -9.36
C ASN A 329 6.10 0.45 -8.58
N PHE A 330 7.08 1.07 -9.24
CA PHE A 330 7.90 2.11 -8.61
C PHE A 330 7.07 3.28 -8.09
N CYS A 331 6.19 3.84 -8.91
CA CYS A 331 5.38 4.96 -8.47
C CYS A 331 4.37 4.56 -7.40
N TYR A 332 3.78 3.39 -7.52
CA TYR A 332 2.78 2.95 -6.57
C TYR A 332 3.35 2.73 -5.18
N TYR A 333 4.53 2.12 -5.08
CA TYR A 333 5.13 1.81 -3.78
C TYR A 333 6.11 2.86 -3.25
N ASN A 334 6.39 3.92 -4.02
CA ASN A 334 7.24 5.02 -3.58
C ASN A 334 6.49 6.34 -3.79
N PRO A 335 5.77 6.80 -2.78
CA PRO A 335 5.00 8.05 -2.91
C PRO A 335 5.86 9.26 -3.30
N GLY A 336 7.14 9.23 -2.89
CA GLY A 336 8.13 10.24 -3.28
C GLY A 336 8.96 9.86 -4.50
N TYR A 337 8.30 9.21 -5.46
CA TYR A 337 8.91 8.78 -6.71
C TYR A 337 9.59 9.86 -7.55
N ASP A 338 9.26 11.12 -7.30
CA ASP A 338 9.84 12.24 -8.03
C ASP A 338 10.90 12.96 -7.17
N GLY A 339 11.46 12.23 -6.20
CA GLY A 339 12.40 12.78 -5.24
C GLY A 339 13.61 11.90 -5.04
N PHE A 340 14.69 12.54 -4.63
CA PHE A 340 15.97 11.91 -4.33
C PHE A 340 15.80 10.79 -3.33
N GLU A 341 14.88 10.95 -2.37
CA GLU A 341 14.77 9.93 -1.33
C GLU A 341 14.25 8.58 -1.83
N SER A 342 13.65 8.54 -3.03
CA SER A 342 13.21 7.31 -3.74
CA SER A 342 13.26 7.22 -3.56
C SER A 342 14.39 6.50 -4.30
N PHE A 343 15.58 7.11 -4.38
CA PHE A 343 16.76 6.42 -4.90
C PHE A 343 17.17 5.30 -3.94
N PRO A 344 17.81 4.24 -4.45
CA PRO A 344 18.30 3.22 -3.51
C PRO A 344 19.37 3.76 -2.57
N SER A 345 19.51 3.13 -1.40
CA SER A 345 20.46 3.64 -0.40
CA SER A 345 20.46 3.61 -0.39
C SER A 345 21.89 3.77 -0.92
N TRP A 346 22.35 2.80 -1.71
CA TRP A 346 23.73 2.84 -2.21
C TRP A 346 23.93 4.10 -3.06
N ALA A 347 22.91 4.48 -3.82
CA ALA A 347 23.01 5.61 -4.74
C ALA A 347 22.95 6.93 -4.00
N LYS A 348 22.11 7.00 -2.97
CA LYS A 348 22.03 8.21 -2.16
C LYS A 348 23.37 8.39 -1.45
N GLU A 349 23.92 7.32 -0.88
CA GLU A 349 25.20 7.39 -0.19
C GLU A 349 26.30 7.89 -1.15
N SER A 350 26.36 7.31 -2.33
CA SER A 350 27.36 7.70 -3.34
C SER A 350 27.17 9.15 -3.81
N LEU A 351 25.97 9.53 -4.20
CA LEU A 351 25.75 10.91 -4.63
C LEU A 351 26.02 11.92 -3.50
N ASN A 352 25.63 11.55 -2.27
CA ASN A 352 25.92 12.39 -1.10
C ASN A 352 27.41 12.61 -0.91
N ALA A 353 28.20 11.56 -1.07
CA ALA A 353 29.64 11.64 -0.91
C ALA A 353 30.28 12.54 -1.96
N HIS A 354 29.61 12.76 -3.08
CA HIS A 354 30.15 13.54 -4.18
C HIS A 354 29.50 14.90 -4.36
N ARG A 355 28.67 15.31 -3.39
CA ARG A 355 27.92 16.56 -3.47
C ARG A 355 28.79 17.77 -3.61
N ASN A 356 29.95 17.74 -2.96
CA ASN A 356 30.83 18.89 -2.99
C ASN A 356 31.88 18.84 -4.09
N ASP A 357 31.88 17.79 -4.91
CA ASP A 357 32.77 17.77 -6.06
C ASP A 357 32.48 18.96 -6.96
N VAL A 358 33.55 19.53 -7.51
CA VAL A 358 33.43 20.66 -8.42
C VAL A 358 32.83 20.19 -9.74
N ARG A 359 31.71 20.79 -10.14
CA ARG A 359 31.14 20.46 -11.44
C ARG A 359 31.90 21.20 -12.55
N SER A 360 32.08 20.52 -13.67
CA SER A 360 32.65 21.13 -14.88
C SER A 360 31.69 22.09 -15.58
N HIS A 361 30.40 21.86 -15.43
CA HIS A 361 29.36 22.74 -15.99
C HIS A 361 28.17 22.77 -15.04
N ILE A 362 27.54 23.94 -14.94
CA ILE A 362 26.27 24.06 -14.25
C ILE A 362 25.33 24.84 -15.16
N TYR A 363 24.37 24.12 -15.74
CA TYR A 363 23.38 24.71 -16.64
C TYR A 363 22.11 25.03 -15.86
N THR A 364 21.48 26.15 -16.20
CA THR A 364 20.14 26.48 -15.71
C THR A 364 19.09 25.64 -16.46
N LEU A 365 17.90 25.51 -15.87
CA LEU A 365 16.76 24.90 -16.55
C LEU A 365 16.61 25.44 -17.98
N GLU A 366 16.73 26.75 -18.13
CA GLU A 366 16.47 27.43 -19.38
C GLU A 366 17.51 27.09 -20.44
N GLU A 367 18.75 26.94 -20.01
CA GLU A 367 19.85 26.57 -20.91
C GLU A 367 19.71 25.13 -21.41
N PHE A 368 19.40 24.21 -20.50
CA PHE A 368 19.13 22.83 -20.90
C PHE A 368 17.92 22.81 -21.87
N GLU A 369 16.87 23.54 -21.50
CA GLU A 369 15.60 23.55 -22.27
C GLU A 369 15.80 24.01 -23.71
N ALA A 370 16.65 25.01 -23.87
CA ALA A 370 16.95 25.53 -25.20
C ALA A 370 18.00 24.74 -25.95
N GLY A 371 18.53 23.67 -25.37
CA GLY A 371 19.61 22.92 -26.01
C GLY A 371 20.90 23.72 -26.22
N LYS A 372 21.31 24.46 -25.18
CA LYS A 372 22.46 25.34 -25.25
C LYS A 372 23.61 24.90 -24.36
N THR A 373 23.97 23.62 -24.47
CA THR A 373 25.15 23.09 -23.81
C THR A 373 26.32 23.04 -24.78
N HIS A 374 27.46 22.69 -24.22
CA HIS A 374 28.70 22.45 -24.96
C HIS A 374 28.72 21.10 -25.71
N ASP A 375 27.76 20.23 -25.43
CA ASP A 375 27.74 18.86 -25.95
C ASP A 375 26.71 18.76 -27.10
N PRO A 376 27.19 18.53 -28.33
CA PRO A 376 26.28 18.58 -29.44
C PRO A 376 25.34 17.37 -29.50
N LEU A 377 25.75 16.24 -28.94
CA LEU A 377 24.88 15.05 -28.85
C LEU A 377 23.73 15.35 -27.88
N TRP A 378 24.07 15.92 -26.73
CA TRP A 378 23.05 16.32 -25.75
C TRP A 378 22.06 17.31 -26.41
N ASN A 379 22.59 18.33 -27.09
CA ASN A 379 21.76 19.35 -27.70
C ASN A 379 20.80 18.79 -28.75
N ALA A 380 21.30 17.85 -29.54
CA ALA A 380 20.54 17.16 -30.55
C ALA A 380 19.44 16.32 -29.95
N SER A 381 19.72 15.69 -28.80
CA SER A 381 18.71 14.91 -28.09
C SER A 381 17.59 15.85 -27.64
N GLN A 382 17.96 16.95 -27.02
CA GLN A 382 16.97 17.99 -26.66
C GLN A 382 16.21 18.52 -27.89
N MET A 383 16.87 18.72 -29.03
CA MET A 383 16.18 19.17 -30.23
C MET A 383 15.21 18.12 -30.78
N GLU A 384 15.56 16.85 -30.72
CA GLU A 384 14.61 15.80 -31.11
C GLU A 384 13.34 15.90 -30.24
N LEU A 385 13.52 16.11 -28.94
CA LEU A 385 12.41 16.28 -28.01
C LEU A 385 11.56 17.51 -28.33
N LEU A 386 12.22 18.65 -28.53
CA LEU A 386 11.53 19.89 -28.83
C LEU A 386 10.77 19.84 -30.18
N SER A 387 11.41 19.27 -31.19
CA SER A 387 10.83 19.22 -32.54
CA SER A 387 10.85 19.16 -32.54
C SER A 387 9.74 18.16 -32.70
N THR A 388 9.93 16.98 -32.12
CA THR A 388 8.99 15.89 -32.34
C THR A 388 8.14 15.49 -31.16
N GLY A 389 8.53 15.91 -29.96
CA GLY A 389 7.86 15.45 -28.74
C GLY A 389 8.14 14.00 -28.34
N LYS A 390 9.17 13.40 -28.93
CA LYS A 390 9.54 12.03 -28.58
C LYS A 390 11.02 11.77 -28.84
N MET A 391 11.80 11.79 -27.77
CA MET A 391 13.21 11.51 -27.87
C MET A 391 13.42 9.99 -27.93
N HIS A 392 14.35 9.55 -28.78
CA HIS A 392 14.68 8.15 -28.87
C HIS A 392 15.06 7.64 -27.47
N GLY A 393 14.61 6.44 -27.15
CA GLY A 393 14.85 5.85 -25.84
C GLY A 393 16.31 5.75 -25.41
N TYR A 394 17.21 5.49 -26.36
CA TYR A 394 18.63 5.41 -26.03
C TYR A 394 19.20 6.75 -25.60
N THR A 395 18.85 7.83 -26.33
CA THR A 395 19.36 9.13 -25.97
C THR A 395 18.67 9.73 -24.77
N ARG A 396 17.48 9.26 -24.40
CA ARG A 396 16.89 9.68 -23.14
C ARG A 396 17.81 9.34 -21.94
N MET A 397 18.45 8.18 -21.98
CA MET A 397 19.37 7.77 -20.93
C MET A 397 20.57 8.73 -20.88
N TYR A 398 21.17 8.98 -22.05
CA TYR A 398 22.30 9.89 -22.16
C TYR A 398 21.95 11.28 -21.63
N TRP A 399 20.80 11.75 -22.10
CA TRP A 399 20.27 13.09 -21.81
C TRP A 399 20.08 13.30 -20.29
N ALA A 400 19.43 12.39 -19.60
CA ALA A 400 19.16 12.56 -18.18
C ALA A 400 20.43 12.47 -17.36
N LYS A 401 21.32 11.59 -17.78
CA LYS A 401 22.57 11.41 -17.06
C LYS A 401 23.46 12.67 -17.15
N LYS A 402 23.42 13.40 -18.26
CA LYS A 402 24.21 14.64 -18.33
C LYS A 402 23.59 15.78 -17.50
N ILE A 403 22.26 15.76 -17.33
CA ILE A 403 21.59 16.73 -16.42
C ILE A 403 22.14 16.52 -14.98
N LEU A 404 22.30 15.28 -14.55
CA LEU A 404 22.96 15.01 -13.26
C LEU A 404 24.38 15.56 -13.24
N GLU A 405 25.13 15.29 -14.29
CA GLU A 405 26.53 15.67 -14.37
C GLU A 405 26.74 17.17 -14.36
N TRP A 406 25.82 17.92 -14.96
CA TRP A 406 26.01 19.36 -15.15
C TRP A 406 24.98 20.22 -14.42
N SER A 407 24.58 19.76 -13.23
CA SER A 407 23.74 20.50 -12.29
C SER A 407 24.42 20.64 -10.96
N GLU A 408 23.96 21.61 -10.17
CA GLU A 408 24.58 21.89 -8.85
C GLU A 408 24.41 20.78 -7.81
N SER A 409 23.34 20.00 -7.95
CA SER A 409 23.01 18.93 -6.99
C SER A 409 22.13 17.88 -7.67
N PRO A 410 22.13 16.64 -7.12
CA PRO A 410 21.25 15.62 -7.62
C PRO A 410 19.79 16.02 -7.58
N GLU A 411 19.39 16.77 -6.54
CA GLU A 411 18.00 17.21 -6.40
C GLU A 411 17.64 18.16 -7.54
N LYS A 412 18.53 19.09 -7.84
CA LYS A 412 18.30 20.04 -8.90
C LYS A 412 18.22 19.33 -10.24
N ALA A 413 19.11 18.37 -10.46
CA ALA A 413 19.11 17.58 -11.68
C ALA A 413 17.77 16.85 -11.90
N LEU A 414 17.27 16.23 -10.82
CA LEU A 414 16.05 15.47 -10.90
C LEU A 414 14.89 16.41 -11.23
N GLU A 415 14.89 17.58 -10.61
CA GLU A 415 13.87 18.59 -10.86
CA GLU A 415 13.86 18.57 -10.86
C GLU A 415 13.85 19.03 -12.33
N ILE A 416 15.04 19.24 -12.90
CA ILE A 416 15.17 19.69 -14.28
C ILE A 416 14.75 18.60 -15.27
N ALA A 417 15.24 17.38 -15.07
CA ALA A 417 14.92 16.28 -15.93
C ALA A 417 13.41 16.05 -15.94
N ILE A 418 12.80 15.98 -14.77
CA ILE A 418 11.36 15.81 -14.68
C ILE A 418 10.62 16.95 -15.41
N CYS A 419 11.04 18.18 -15.16
CA CYS A 419 10.39 19.34 -15.77
C CYS A 419 10.41 19.30 -17.29
N LEU A 420 11.57 19.01 -17.87
CA LEU A 420 11.69 18.97 -19.33
C LEU A 420 10.95 17.77 -19.95
N ASN A 421 11.07 16.62 -19.29
CA ASN A 421 10.33 15.43 -19.71
C ASN A 421 8.83 15.73 -19.72
N ASP A 422 8.34 16.29 -18.61
CA ASP A 422 6.93 16.54 -18.44
C ASP A 422 6.41 17.68 -19.34
N ARG A 423 7.25 18.68 -19.59
CA ARG A 423 6.84 19.78 -20.47
C ARG A 423 6.77 19.35 -21.92
N TYR A 424 7.72 18.52 -22.35
CA TYR A 424 7.93 18.29 -23.79
C TYR A 424 7.64 16.91 -24.38
N GLU A 425 7.73 15.84 -23.59
CA GLU A 425 7.47 14.51 -24.16
C GLU A 425 5.94 14.33 -24.32
N LEU A 426 5.51 13.87 -25.49
CA LEU A 426 4.12 13.47 -25.65
C LEU A 426 3.75 12.34 -24.67
N ASP A 427 4.71 11.46 -24.39
CA ASP A 427 4.49 10.29 -23.53
C ASP A 427 4.85 10.53 -22.06
N GLY A 428 5.16 11.79 -21.72
CA GLY A 428 5.64 12.14 -20.38
C GLY A 428 4.54 12.26 -19.35
N ARG A 429 4.89 12.79 -18.18
CA ARG A 429 3.98 12.86 -17.01
C ARG A 429 3.41 11.45 -16.77
N ASP A 430 4.34 10.50 -16.68
CA ASP A 430 4.03 9.09 -16.79
C ASP A 430 4.94 8.30 -15.84
N PRO A 431 4.42 7.26 -15.18
CA PRO A 431 5.32 6.43 -14.36
C PRO A 431 6.57 5.96 -15.09
N ASN A 432 6.46 5.65 -16.39
CA ASN A 432 7.63 5.25 -17.16
C ASN A 432 8.73 6.34 -17.15
N GLY A 433 8.30 7.60 -17.22
CA GLY A 433 9.23 8.76 -17.13
C GLY A 433 9.84 8.96 -15.74
N TYR A 434 9.03 8.95 -14.70
CA TYR A 434 9.58 9.04 -13.35
C TYR A 434 10.57 7.91 -13.08
N ALA A 435 10.21 6.70 -13.49
CA ALA A 435 11.07 5.53 -13.27
C ALA A 435 12.33 5.56 -14.11
N GLY A 436 12.22 6.05 -15.35
CA GLY A 436 13.36 6.15 -16.27
C GLY A 436 14.35 7.22 -15.84
N ILE A 437 13.82 8.34 -15.40
CA ILE A 437 14.63 9.44 -14.86
C ILE A 437 15.32 8.99 -13.58
N ALA A 438 14.58 8.26 -12.71
CA ALA A 438 15.16 7.74 -11.48
C ALA A 438 16.23 6.69 -11.73
N TRP A 439 16.04 5.88 -12.76
CA TRP A 439 17.06 4.91 -13.17
C TRP A 439 18.32 5.67 -13.58
N SER A 440 18.11 6.72 -14.38
CA SER A 440 19.21 7.47 -15.02
C SER A 440 20.04 8.26 -14.03
N ILE A 441 19.35 8.97 -13.15
CA ILE A 441 20.00 9.89 -12.23
C ILE A 441 20.33 9.24 -10.90
N GLY A 442 19.49 8.26 -10.51
CA GLY A 442 19.55 7.70 -9.19
C GLY A 442 19.78 6.22 -9.08
N GLY A 443 19.99 5.52 -10.20
CA GLY A 443 20.30 4.11 -10.15
C GLY A 443 19.15 3.21 -9.70
N VAL A 444 17.92 3.73 -9.69
CA VAL A 444 16.73 2.90 -9.43
C VAL A 444 16.64 1.80 -10.49
N HIS A 445 16.55 0.56 -10.03
CA HIS A 445 16.55 -0.61 -10.92
C HIS A 445 17.87 -0.78 -11.71
N ASP A 446 18.96 -0.21 -11.22
CA ASP A 446 20.26 -0.47 -11.81
C ASP A 446 21.20 -0.91 -10.70
N ARG A 447 22.43 -1.19 -11.10
CA ARG A 447 23.50 -1.50 -10.18
C ARG A 447 24.51 -0.36 -10.09
N ALA A 448 25.40 -0.45 -9.11
CA ALA A 448 26.53 0.45 -8.98
C ALA A 448 27.61 0.13 -10.02
N TRP A 449 28.22 1.19 -10.54
CA TRP A 449 29.33 1.10 -11.46
C TRP A 449 30.55 1.78 -10.85
N GLY A 450 31.63 1.87 -11.61
CA GLY A 450 32.89 2.46 -11.11
C GLY A 450 32.68 3.88 -10.63
N GLU A 451 33.36 4.23 -9.55
CA GLU A 451 33.17 5.52 -8.91
C GLU A 451 33.82 6.65 -9.71
N ARG A 452 33.10 7.75 -9.84
CA ARG A 452 33.60 8.94 -10.54
C ARG A 452 33.27 10.16 -9.72
N GLU A 453 33.95 11.25 -10.04
CA GLU A 453 33.64 12.54 -9.48
C GLU A 453 32.23 12.97 -9.95
N VAL A 454 31.54 13.70 -9.09
CA VAL A 454 30.17 14.24 -9.33
C VAL A 454 29.11 13.16 -9.34
N THR A 455 29.21 12.26 -10.32
CA THR A 455 28.20 11.22 -10.51
C THR A 455 28.40 9.99 -9.63
N GLY A 456 29.51 9.90 -8.89
CA GLY A 456 29.75 8.74 -8.06
C GLY A 456 29.65 7.41 -8.81
N LYS A 457 28.89 6.48 -8.24
CA LYS A 457 28.74 5.14 -8.81
C LYS A 457 27.53 4.97 -9.76
N ILE A 458 26.85 6.06 -10.09
CA ILE A 458 25.74 5.97 -11.04
C ILE A 458 26.32 5.61 -12.41
N ARG A 459 25.68 4.68 -13.10
CA ARG A 459 26.14 4.29 -14.43
C ARG A 459 26.42 5.52 -15.31
N TYR A 460 27.60 5.56 -15.94
CA TYR A 460 28.05 6.70 -16.75
C TYR A 460 27.90 6.35 -18.22
N MET A 461 27.53 7.32 -19.06
CA MET A 461 27.45 7.13 -20.52
C MET A 461 28.17 8.28 -21.20
N SER A 462 29.38 8.04 -21.70
CA SER A 462 30.18 9.09 -22.27
C SER A 462 29.81 9.35 -23.72
N TYR A 463 30.12 10.56 -24.16
CA TYR A 463 30.01 10.93 -25.57
C TYR A 463 30.78 9.96 -26.47
N GLU A 464 32.02 9.66 -26.11
CA GLU A 464 32.85 8.79 -26.96
C GLU A 464 32.28 7.37 -26.97
N GLY A 465 31.71 6.93 -25.85
CA GLY A 465 31.05 5.64 -25.78
C GLY A 465 29.89 5.53 -26.74
N CYS A 466 29.09 6.60 -26.83
CA CYS A 466 28.01 6.66 -27.81
C CYS A 466 28.53 6.63 -29.24
N LYS A 467 29.59 7.38 -29.50
CA LYS A 467 30.26 7.38 -30.81
C LYS A 467 30.66 5.98 -31.26
N ARG A 468 31.13 5.17 -30.32
CA ARG A 468 31.46 3.76 -30.58
C ARG A 468 30.25 2.89 -30.90
N LYS A 469 29.06 3.31 -30.49
CA LYS A 469 27.88 2.46 -30.58
C LYS A 469 26.96 2.76 -31.76
N PHE A 470 26.87 4.02 -32.16
CA PHE A 470 26.07 4.42 -33.31
C PHE A 470 26.65 5.68 -33.97
N ASP A 471 26.08 6.05 -35.11
CA ASP A 471 26.55 7.19 -35.89
C ASP A 471 26.04 8.51 -35.28
N VAL A 472 26.79 8.98 -34.28
CA VAL A 472 26.47 10.17 -33.55
C VAL A 472 26.38 11.38 -34.48
N LYS A 473 27.28 11.47 -35.45
CA LYS A 473 27.30 12.61 -36.37
C LYS A 473 25.99 12.73 -37.11
N LEU A 474 25.46 11.59 -37.57
CA LEU A 474 24.22 11.57 -38.31
C LEU A 474 23.02 12.02 -37.46
N TYR A 475 22.98 11.61 -36.20
CA TYR A 475 21.90 12.00 -35.29
C TYR A 475 21.93 13.51 -35.04
N ILE A 476 23.13 14.03 -34.77
CA ILE A 476 23.36 15.47 -34.60
C ILE A 476 22.92 16.25 -35.85
N GLU A 477 23.33 15.78 -37.03
CA GLU A 477 22.92 16.43 -38.27
C GLU A 477 21.41 16.46 -38.45
N LYS A 478 20.75 15.36 -38.11
CA LYS A 478 19.33 15.30 -38.31
C LYS A 478 18.57 16.31 -37.45
N TYR A 479 19.09 16.62 -36.26
CA TYR A 479 18.45 17.54 -35.31
C TYR A 479 19.26 18.80 -35.04
N SER A 480 19.68 19.43 -36.15
CA SER A 480 20.49 20.63 -36.15
C SER A 480 19.63 21.75 -36.66
N LEU B 14 25.89 -17.33 10.84
CA LEU B 14 25.15 -16.14 11.40
C LEU B 14 25.07 -16.19 12.93
N VAL B 15 24.76 -17.37 13.47
CA VAL B 15 24.74 -17.61 14.92
C VAL B 15 25.70 -18.75 15.30
N PRO B 16 26.20 -18.77 16.58
CA PRO B 16 27.08 -19.89 17.02
C PRO B 16 26.45 -21.29 16.99
N ARG B 17 27.32 -22.30 17.10
CA ARG B 17 26.97 -23.73 16.93
C ARG B 17 25.74 -24.21 17.71
N GLY B 18 25.79 -24.09 19.03
CA GLY B 18 24.73 -24.65 19.89
C GLY B 18 23.79 -23.58 20.40
N SER B 19 23.21 -22.86 19.46
CA SER B 19 22.48 -21.64 19.75
C SER B 19 21.12 -21.83 20.45
N HIS B 20 20.43 -22.93 20.15
CA HIS B 20 18.99 -23.08 20.49
C HIS B 20 18.10 -22.04 19.78
N MET B 21 18.62 -21.48 18.69
CA MET B 21 17.93 -20.47 17.92
C MET B 21 17.46 -21.17 16.66
N ASN B 22 16.16 -21.43 16.56
CA ASN B 22 15.60 -22.01 15.34
C ASN B 22 15.63 -20.96 14.21
N PRO B 23 16.40 -21.22 13.12
CA PRO B 23 16.53 -20.23 12.03
C PRO B 23 15.20 -19.84 11.34
N LYS B 24 14.16 -20.66 11.50
CA LYS B 24 12.86 -20.33 10.92
C LYS B 24 12.16 -19.15 11.59
N ARG B 25 12.66 -18.74 12.76
CA ARG B 25 12.10 -17.58 13.46
C ARG B 25 12.61 -16.27 12.90
N ILE B 26 13.66 -16.34 12.07
CA ILE B 26 14.31 -15.14 11.53
C ILE B 26 14.33 -15.18 10.01
N ARG B 27 14.13 -14.03 9.40
CA ARG B 27 14.24 -13.91 7.95
C ARG B 27 14.83 -12.54 7.58
N ALA B 28 15.43 -12.49 6.39
CA ALA B 28 16.05 -11.26 5.89
C ALA B 28 14.99 -10.32 5.33
N LEU B 29 15.01 -9.07 5.78
CA LEU B 29 14.25 -8.01 5.11
C LEU B 29 15.09 -7.36 4.02
N LYS B 30 16.40 -7.23 4.26
CA LYS B 30 17.32 -6.66 3.30
C LYS B 30 18.65 -7.38 3.41
N SER B 31 19.17 -7.86 2.29
CA SER B 31 20.52 -8.45 2.27
C SER B 31 21.56 -7.33 2.18
N GLY B 32 22.77 -7.66 2.58
CA GLY B 32 23.89 -6.72 2.44
C GLY B 32 25.10 -7.40 3.03
N LYS B 33 26.23 -6.71 3.02
CA LYS B 33 27.42 -7.20 3.70
C LYS B 33 27.37 -6.66 5.13
N GLN B 34 27.53 -7.55 6.12
CA GLN B 34 27.64 -7.15 7.52
C GLN B 34 28.69 -6.06 7.64
N GLY B 35 28.36 -4.94 8.28
CA GLY B 35 29.36 -3.99 8.72
C GLY B 35 30.12 -4.57 9.92
N ASP B 36 31.14 -3.87 10.38
CA ASP B 36 31.95 -4.34 11.52
C ASP B 36 31.44 -3.79 12.86
N GLY B 37 30.40 -2.95 12.81
CA GLY B 37 29.87 -2.34 14.02
C GLY B 37 28.91 -3.22 14.80
N PRO B 38 28.35 -2.67 15.88
CA PRO B 38 27.47 -3.41 16.76
C PRO B 38 26.22 -3.92 16.04
N VAL B 39 25.62 -4.95 16.61
CA VAL B 39 24.30 -5.42 16.17
C VAL B 39 23.26 -4.60 16.90
N VAL B 40 22.35 -4.02 16.14
CA VAL B 40 21.27 -3.22 16.71
C VAL B 40 19.93 -3.97 16.65
N TYR B 41 19.31 -4.17 17.82
CA TYR B 41 17.93 -4.61 17.90
C TYR B 41 17.00 -3.40 17.93
N TRP B 42 16.33 -3.13 16.82
CA TRP B 42 15.27 -2.11 16.80
C TRP B 42 14.01 -2.74 17.40
N MET B 43 13.78 -2.42 18.67
CA MET B 43 12.67 -2.96 19.42
C MET B 43 11.42 -2.13 19.16
N SER B 44 10.29 -2.81 18.93
CA SER B 44 9.03 -2.10 18.70
C SER B 44 7.87 -2.81 19.38
N ARG B 45 7.54 -4.00 18.90
CA ARG B 45 6.43 -4.75 19.45
C ARG B 45 6.75 -5.45 20.78
N ASP B 46 7.96 -5.98 20.91
CA ASP B 46 8.27 -6.89 21.99
C ASP B 46 9.15 -6.24 23.06
N GLN B 47 8.47 -5.52 23.94
CA GLN B 47 9.14 -4.63 24.89
C GLN B 47 9.44 -5.31 26.21
N ARG B 48 10.43 -6.21 26.15
CA ARG B 48 10.84 -7.01 27.30
C ARG B 48 12.25 -7.55 27.04
N ALA B 49 12.97 -7.85 28.13
CA ALA B 49 14.30 -8.43 28.07
C ALA B 49 14.31 -9.95 28.17
N GLU B 50 13.35 -10.53 28.88
CA GLU B 50 13.28 -11.98 29.02
C GLU B 50 12.36 -12.57 27.96
N ASP B 51 12.64 -13.82 27.57
CA ASP B 51 11.77 -14.54 26.66
C ASP B 51 11.52 -13.75 25.37
N ASN B 52 12.57 -13.19 24.78
CA ASN B 52 12.44 -12.37 23.57
C ASN B 52 13.38 -12.91 22.48
N TRP B 53 12.82 -13.67 21.54
CA TRP B 53 13.63 -14.28 20.47
C TRP B 53 14.37 -13.23 19.65
N ALA B 54 13.77 -12.06 19.42
CA ALA B 54 14.43 -11.00 18.66
C ALA B 54 15.70 -10.51 19.36
N LEU B 55 15.61 -10.30 20.67
CA LEU B 55 16.74 -9.88 21.47
C LEU B 55 17.78 -11.01 21.57
N LEU B 56 17.30 -12.23 21.77
CA LEU B 56 18.21 -13.39 21.81
C LEU B 56 18.94 -13.59 20.48
N PHE B 57 18.21 -13.55 19.36
CA PHE B 57 18.87 -13.67 18.06
C PHE B 57 19.86 -12.55 17.86
N SER B 58 19.48 -11.32 18.23
CA SER B 58 20.40 -10.19 18.10
C SER B 58 21.67 -10.43 18.91
N ARG B 59 21.50 -10.97 20.12
CA ARG B 59 22.65 -11.23 20.99
C ARG B 59 23.58 -12.30 20.40
N ALA B 60 22.98 -13.33 19.80
CA ALA B 60 23.72 -14.44 19.21
C ALA B 60 24.48 -14.02 17.94
N ILE B 61 23.83 -13.22 17.11
CA ILE B 61 24.48 -12.61 15.93
C ILE B 61 25.68 -11.78 16.36
N ALA B 62 25.50 -11.00 17.42
CA ALA B 62 26.57 -10.16 17.95
C ALA B 62 27.74 -11.01 18.49
N LYS B 63 27.41 -12.11 19.16
CA LYS B 63 28.44 -13.01 19.68
C LYS B 63 29.25 -13.65 18.56
N GLU B 64 28.56 -14.17 17.54
CA GLU B 64 29.22 -14.76 16.39
C GLU B 64 30.16 -13.76 15.70
N ALA B 65 29.75 -12.50 15.62
CA ALA B 65 30.58 -11.45 14.99
C ALA B 65 31.56 -10.77 15.96
N ASN B 66 31.56 -11.18 17.23
CA ASN B 66 32.36 -10.56 18.29
C ASN B 66 32.21 -9.02 18.39
N VAL B 67 30.95 -8.56 18.40
CA VAL B 67 30.63 -7.16 18.61
C VAL B 67 29.53 -7.10 19.68
N PRO B 68 29.28 -5.91 20.26
CA PRO B 68 28.20 -5.81 21.22
C PRO B 68 26.83 -5.80 20.56
N VAL B 69 25.82 -6.12 21.35
CA VAL B 69 24.43 -5.91 20.98
C VAL B 69 23.92 -4.69 21.73
N VAL B 70 23.08 -3.90 21.07
CA VAL B 70 22.43 -2.73 21.69
C VAL B 70 20.97 -2.73 21.25
N VAL B 71 20.14 -2.01 22.01
CA VAL B 71 18.72 -1.89 21.74
C VAL B 71 18.42 -0.44 21.42
N VAL B 72 17.57 -0.23 20.43
CA VAL B 72 17.10 1.10 20.09
C VAL B 72 15.59 1.04 20.01
N PHE B 73 14.94 2.11 20.47
CA PHE B 73 13.50 2.25 20.43
C PHE B 73 13.24 3.67 19.95
N CYS B 74 12.31 3.82 19.00
CA CYS B 74 11.90 5.15 18.54
C CYS B 74 10.47 5.47 18.99
N LEU B 75 10.34 6.46 19.85
CA LEU B 75 9.03 6.92 20.36
C LEU B 75 8.35 7.85 19.36
N THR B 76 7.21 7.43 18.82
CA THR B 76 6.44 8.27 17.89
C THR B 76 5.55 9.22 18.67
N ASP B 77 5.17 10.34 18.06
CA ASP B 77 4.32 11.35 18.69
C ASP B 77 2.86 10.88 18.70
N GLU B 78 2.49 10.07 17.73
CA GLU B 78 1.17 9.46 17.73
C GLU B 78 1.29 8.04 17.19
N PHE B 79 0.33 7.20 17.59
CA PHE B 79 0.29 5.80 17.21
C PHE B 79 -1.14 5.27 17.18
N LEU B 80 -1.75 5.29 15.99
CA LEU B 80 -3.07 4.67 15.77
C LEU B 80 -4.12 5.08 16.81
N GLU B 81 -4.16 6.36 17.14
CA GLU B 81 -5.13 6.93 18.12
C GLU B 81 -4.87 6.67 19.62
N ALA B 82 -3.75 6.04 19.95
CA ALA B 82 -3.34 5.88 21.34
C ALA B 82 -3.29 7.25 22.01
N GLY B 83 -3.70 7.29 23.27
CA GLY B 83 -3.59 8.51 24.09
C GLY B 83 -2.64 8.31 25.26
N ILE B 84 -2.75 9.22 26.23
CA ILE B 84 -1.90 9.19 27.40
C ILE B 84 -1.98 7.86 28.17
N ARG B 85 -3.18 7.25 28.20
CA ARG B 85 -3.34 6.04 29.02
C ARG B 85 -2.45 4.90 28.53
N GLN B 86 -2.28 4.78 27.21
CA GLN B 86 -1.42 3.77 26.63
C GLN B 86 0.05 4.19 26.64
N TYR B 87 0.34 5.42 26.24
CA TYR B 87 1.73 5.90 26.25
C TYR B 87 2.37 5.85 27.63
N GLU B 88 1.61 6.18 28.66
CA GLU B 88 2.11 6.14 30.03
C GLU B 88 2.39 4.69 30.45
N PHE B 89 1.49 3.78 30.10
CA PHE B 89 1.70 2.34 30.36
C PHE B 89 2.98 1.83 29.68
N MET B 90 3.11 2.17 28.40
CA MET B 90 4.24 1.76 27.64
C MET B 90 5.53 2.33 28.22
N LEU B 91 5.52 3.62 28.51
CA LEU B 91 6.75 4.33 28.91
C LEU B 91 7.24 3.92 30.29
N LYS B 92 6.30 3.67 31.20
CA LYS B 92 6.65 3.10 32.49
C LYS B 92 7.30 1.74 32.35
N GLY B 93 6.76 0.92 31.46
CA GLY B 93 7.40 -0.34 31.16
C GLY B 93 8.82 -0.14 30.63
N LEU B 94 9.00 0.85 29.77
CA LEU B 94 10.33 1.05 29.16
C LEU B 94 11.37 1.56 30.17
N GLN B 95 10.95 2.30 31.20
CA GLN B 95 11.88 2.71 32.25
C GLN B 95 12.44 1.50 32.97
N GLU B 96 11.55 0.57 33.31
CA GLU B 96 11.96 -0.67 33.96
C GLU B 96 12.84 -1.48 33.01
N LEU B 97 12.46 -1.51 31.73
CA LEU B 97 13.26 -2.23 30.74
C LEU B 97 14.68 -1.70 30.61
N GLU B 98 14.85 -0.39 30.63
CA GLU B 98 16.18 0.21 30.53
C GLU B 98 17.09 -0.28 31.65
N VAL B 99 16.53 -0.43 32.85
CA VAL B 99 17.28 -0.95 33.99
C VAL B 99 17.67 -2.42 33.77
N SER B 100 16.70 -3.27 33.37
CA SER B 100 17.00 -4.70 33.13
C SER B 100 18.08 -4.89 32.07
N LEU B 101 17.99 -4.15 30.96
CA LEU B 101 18.99 -4.23 29.89
C LEU B 101 20.39 -3.81 30.40
N SER B 102 20.46 -2.70 31.17
CA SER B 102 21.73 -2.23 31.77
C SER B 102 22.37 -3.28 32.65
N ARG B 103 21.55 -4.06 33.33
CA ARG B 103 22.07 -5.12 34.19
C ARG B 103 22.65 -6.27 33.37
N LYS B 104 22.26 -6.39 32.10
CA LYS B 104 22.89 -7.29 31.14
C LYS B 104 23.99 -6.59 30.32
N LYS B 105 24.38 -5.40 30.74
CA LYS B 105 25.31 -4.55 30.00
C LYS B 105 24.92 -4.28 28.55
N ILE B 106 23.62 -4.20 28.29
CA ILE B 106 23.11 -3.91 26.96
C ILE B 106 22.60 -2.48 26.98
N PRO B 107 23.28 -1.58 26.25
CA PRO B 107 22.81 -0.21 26.18
C PRO B 107 21.48 -0.15 25.45
N SER B 108 20.68 0.84 25.80
CA SER B 108 19.42 1.11 25.15
C SER B 108 19.40 2.59 24.78
N PHE B 109 19.01 2.88 23.55
CA PHE B 109 18.98 4.25 23.05
C PHE B 109 17.55 4.58 22.71
N PHE B 110 17.10 5.76 23.13
CA PHE B 110 15.71 6.17 22.93
C PHE B 110 15.66 7.37 22.02
N LEU B 111 15.00 7.20 20.88
CA LEU B 111 14.86 8.25 19.88
C LEU B 111 13.41 8.71 19.87
N ARG B 112 13.17 9.86 19.25
CA ARG B 112 11.83 10.41 19.09
C ARG B 112 11.59 10.80 17.65
N GLY B 113 10.40 10.48 17.13
CA GLY B 113 10.01 10.87 15.77
C GLY B 113 9.50 9.71 14.92
N ASP B 114 9.65 9.85 13.61
CA ASP B 114 9.26 8.84 12.64
C ASP B 114 10.30 7.72 12.65
N PRO B 115 9.93 6.51 13.11
CA PRO B 115 10.91 5.44 13.16
C PRO B 115 11.61 5.21 11.83
N GLY B 116 10.87 5.33 10.72
CA GLY B 116 11.47 5.24 9.39
C GLY B 116 12.72 6.09 9.23
N GLU B 117 12.59 7.38 9.54
CA GLU B 117 13.72 8.31 9.44
C GLU B 117 14.74 8.11 10.56
N LYS B 118 14.26 7.98 11.79
CA LYS B 118 15.17 7.94 12.96
C LYS B 118 16.01 6.69 13.05
N ILE B 119 15.45 5.53 12.75
CA ILE B 119 16.21 4.29 12.84
C ILE B 119 17.31 4.27 11.76
N SER B 120 16.97 4.71 10.54
CA SER B 120 17.96 4.92 9.46
C SER B 120 19.15 5.73 9.92
N ARG B 121 18.84 6.94 10.42
CA ARG B 121 19.89 7.85 10.85
C ARG B 121 20.71 7.23 11.99
N PHE B 122 20.06 6.51 12.91
CA PHE B 122 20.78 5.86 14.01
C PHE B 122 21.76 4.80 13.53
N VAL B 123 21.31 3.98 12.60
CA VAL B 123 22.15 2.94 12.00
C VAL B 123 23.44 3.59 11.44
N LYS B 124 23.27 4.67 10.70
CA LYS B 124 24.40 5.46 10.17
C LYS B 124 25.25 6.07 11.29
N ASP B 125 24.65 6.89 12.13
CA ASP B 125 25.38 7.56 13.22
C ASP B 125 26.07 6.63 14.19
N TYR B 126 25.44 5.50 14.53
CA TYR B 126 26.03 4.56 15.48
C TYR B 126 26.91 3.51 14.79
N ASN B 127 27.05 3.59 13.48
CA ASN B 127 27.86 2.64 12.73
C ASN B 127 27.46 1.16 12.95
N ALA B 128 26.17 0.88 12.92
CA ALA B 128 25.70 -0.49 13.12
C ALA B 128 26.20 -1.40 11.99
N GLY B 129 26.50 -2.65 12.34
CA GLY B 129 26.89 -3.65 11.35
C GLY B 129 25.76 -4.55 10.90
N THR B 130 24.78 -4.73 11.77
CA THR B 130 23.58 -5.52 11.48
C THR B 130 22.38 -4.90 12.18
N LEU B 131 21.22 -4.96 11.54
CA LEU B 131 19.99 -4.47 12.12
C LEU B 131 18.99 -5.62 12.21
N VAL B 132 18.35 -5.75 13.35
CA VAL B 132 17.31 -6.75 13.59
C VAL B 132 16.09 -6.03 14.18
N THR B 133 14.88 -6.38 13.72
CA THR B 133 13.66 -5.92 14.40
C THR B 133 12.76 -7.09 14.75
N ASP B 134 11.73 -6.81 15.54
CA ASP B 134 10.74 -7.83 15.85
C ASP B 134 9.64 -7.77 14.77
N PHE B 135 8.64 -8.66 14.85
CA PHE B 135 7.64 -8.81 13.80
C PHE B 135 6.28 -8.30 14.23
N SER B 136 5.69 -7.46 13.38
CA SER B 136 4.31 -7.08 13.48
C SER B 136 3.68 -7.04 12.11
N PRO B 137 2.46 -7.58 11.96
CA PRO B 137 1.81 -7.55 10.63
C PRO B 137 1.02 -6.28 10.37
N LEU B 138 1.07 -5.29 11.26
CA LEU B 138 0.34 -4.05 11.04
C LEU B 138 0.98 -3.21 9.92
N ARG B 139 0.11 -2.52 9.20
CA ARG B 139 0.49 -1.67 8.06
C ARG B 139 1.58 -0.64 8.42
N ILE B 140 1.42 -0.01 9.59
CA ILE B 140 2.36 1.02 10.07
C ILE B 140 3.80 0.51 10.17
N LYS B 141 3.98 -0.69 10.70
CA LYS B 141 5.30 -1.30 10.80
C LYS B 141 5.90 -1.54 9.41
N ASN B 142 5.10 -2.06 8.47
CA ASN B 142 5.52 -2.22 7.08
CA ASN B 142 5.59 -2.24 7.09
C ASN B 142 6.02 -0.89 6.51
N GLN B 143 5.26 0.16 6.76
CA GLN B 143 5.64 1.49 6.27
C GLN B 143 7.00 1.91 6.83
N TRP B 144 7.17 1.75 8.13
CA TRP B 144 8.45 2.09 8.79
C TRP B 144 9.59 1.26 8.23
N ILE B 145 9.38 -0.03 8.12
CA ILE B 145 10.37 -0.93 7.54
C ILE B 145 10.78 -0.49 6.12
N GLU B 146 9.82 -0.13 5.28
CA GLU B 146 10.17 0.20 3.89
C GLU B 146 11.01 1.47 3.88
N LYS B 147 10.72 2.40 4.78
CA LYS B 147 11.51 3.62 4.89
C LYS B 147 12.94 3.34 5.43
N VAL B 148 13.08 2.45 6.41
CA VAL B 148 14.42 2.10 6.96
C VAL B 148 15.26 1.44 5.87
N ILE B 149 14.62 0.54 5.12
CA ILE B 149 15.30 -0.17 4.03
C ILE B 149 15.89 0.83 3.02
N SER B 150 15.13 1.88 2.72
CA SER B 150 15.56 2.89 1.75
CA SER B 150 15.54 2.91 1.77
C SER B 150 16.76 3.71 2.25
N GLY B 151 17.04 3.67 3.55
CA GLY B 151 18.09 4.48 4.14
C GLY B 151 19.27 3.73 4.77
N ILE B 152 19.39 2.42 4.56
CA ILE B 152 20.51 1.66 5.12
C ILE B 152 21.22 0.81 4.06
N SER B 153 22.44 0.41 4.38
CA SER B 153 23.24 -0.38 3.48
C SER B 153 23.73 -1.68 4.15
N ILE B 154 23.18 -1.99 5.32
CA ILE B 154 23.57 -3.19 6.08
C ILE B 154 22.45 -4.25 6.06
N PRO B 155 22.80 -5.49 6.38
CA PRO B 155 21.77 -6.52 6.50
C PRO B 155 20.73 -6.17 7.54
N PHE B 156 19.46 -6.49 7.26
CA PHE B 156 18.32 -6.16 8.11
C PHE B 156 17.49 -7.42 8.22
N PHE B 157 17.34 -7.92 9.45
CA PHE B 157 16.55 -9.13 9.74
C PHE B 157 15.31 -8.80 10.57
N GLU B 158 14.32 -9.67 10.44
CA GLU B 158 13.11 -9.65 11.23
C GLU B 158 12.97 -10.98 11.97
N VAL B 159 12.65 -10.90 13.26
CA VAL B 159 12.45 -12.10 14.08
C VAL B 159 11.03 -12.06 14.64
N ASP B 160 10.30 -13.16 14.51
CA ASP B 160 8.99 -13.27 15.15
C ASP B 160 9.19 -13.68 16.61
N ALA B 161 9.02 -12.68 17.48
CA ALA B 161 9.16 -12.80 18.91
C ALA B 161 7.81 -12.80 19.61
N HIS B 162 6.71 -12.56 18.87
CA HIS B 162 5.39 -12.45 19.49
C HIS B 162 4.58 -13.75 19.47
N ASN B 163 4.79 -14.51 18.39
CA ASN B 163 4.09 -15.75 18.17
C ASN B 163 4.98 -16.93 18.54
N VAL B 164 4.35 -18.00 19.00
CA VAL B 164 5.07 -19.25 19.30
C VAL B 164 5.60 -19.82 17.97
N VAL B 165 4.73 -19.96 16.98
CA VAL B 165 5.11 -20.41 15.65
C VAL B 165 5.23 -19.16 14.78
N PRO B 166 6.39 -18.94 14.13
CA PRO B 166 6.50 -17.72 13.32
C PRO B 166 5.31 -17.56 12.36
N CYS B 167 4.79 -16.35 12.26
CA CYS B 167 3.55 -16.10 11.53
C CYS B 167 3.62 -16.62 10.10
N TRP B 168 4.73 -16.34 9.41
CA TRP B 168 4.90 -16.79 8.01
C TRP B 168 5.12 -18.30 7.83
N GLU B 169 5.42 -19.01 8.93
CA GLU B 169 5.58 -20.47 8.94
C GLU B 169 4.30 -21.22 9.32
N ALA B 170 3.47 -20.64 10.20
CA ALA B 170 2.28 -21.36 10.69
C ALA B 170 1.34 -21.73 9.54
N SER B 171 1.18 -20.79 8.61
CA SER B 171 0.44 -21.03 7.39
C SER B 171 0.98 -20.09 6.32
N GLN B 172 0.81 -20.50 5.07
CA GLN B 172 1.23 -19.70 3.93
C GLN B 172 0.08 -18.89 3.37
N LYS B 173 -1.05 -18.87 4.06
CA LYS B 173 -2.19 -18.15 3.58
C LYS B 173 -3.15 -17.78 4.71
N HIS B 174 -4.05 -16.88 4.36
CA HIS B 174 -5.21 -16.59 5.19
C HIS B 174 -6.00 -17.87 5.49
N GLU B 175 -6.26 -18.10 6.77
CA GLU B 175 -7.09 -19.23 7.23
C GLU B 175 -8.52 -18.76 7.50
N TYR B 176 -9.49 -19.35 6.84
CA TYR B 176 -10.86 -18.89 6.96
C TYR B 176 -11.51 -19.28 8.29
N ALA B 177 -10.95 -20.28 8.99
CA ALA B 177 -11.49 -20.67 10.30
C ALA B 177 -10.46 -21.17 11.28
N ALA B 178 -10.77 -21.03 12.55
CA ALA B 178 -9.97 -21.62 13.63
C ALA B 178 -9.72 -23.11 13.38
N HIS B 179 -10.73 -23.83 12.88
CA HIS B 179 -10.60 -25.27 12.67
C HIS B 179 -9.67 -25.64 11.53
N THR B 180 -9.41 -24.72 10.60
CA THR B 180 -8.35 -24.93 9.59
C THR B 180 -6.95 -24.49 10.09
N PHE B 181 -6.88 -23.41 10.88
CA PHE B 181 -5.61 -22.95 11.41
C PHE B 181 -5.09 -23.87 12.52
N ARG B 182 -6.00 -24.37 13.35
CA ARG B 182 -5.66 -25.16 14.53
C ARG B 182 -4.73 -26.37 14.29
N PRO B 183 -5.06 -27.25 13.31
CA PRO B 183 -4.19 -28.41 13.05
C PRO B 183 -2.82 -28.04 12.50
N LYS B 184 -2.76 -26.96 11.72
CA LYS B 184 -1.49 -26.45 11.21
C LYS B 184 -0.60 -25.96 12.35
N LEU B 185 -1.17 -25.17 13.25
CA LEU B 185 -0.40 -24.64 14.36
C LEU B 185 0.05 -25.74 15.30
N TYR B 186 -0.88 -26.63 15.65
CA TYR B 186 -0.58 -27.74 16.54
C TYR B 186 0.47 -28.69 15.96
N ALA B 187 0.48 -28.91 14.65
CA ALA B 187 1.50 -29.72 14.02
C ALA B 187 2.92 -29.15 14.18
N LEU B 188 3.01 -27.83 14.41
CA LEU B 188 4.29 -27.15 14.53
C LEU B 188 4.72 -26.82 15.97
N LEU B 189 3.83 -27.01 16.94
CA LEU B 189 4.17 -26.74 18.35
C LEU B 189 5.31 -27.63 18.84
N PRO B 190 5.37 -28.90 18.39
CA PRO B 190 6.51 -29.71 18.84
C PRO B 190 7.87 -29.17 18.43
N GLU B 191 7.94 -28.45 17.32
CA GLU B 191 9.19 -27.80 16.92
C GLU B 191 9.38 -26.50 17.69
N PHE B 192 8.32 -25.71 17.78
CA PHE B 192 8.43 -24.30 18.20
C PHE B 192 8.08 -23.96 19.66
N LEU B 193 7.29 -24.79 20.33
CA LEU B 193 6.97 -24.51 21.74
C LEU B 193 8.06 -25.14 22.61
N GLU B 194 8.97 -24.27 23.06
CA GLU B 194 10.19 -24.67 23.75
C GLU B 194 10.54 -23.61 24.80
N GLU B 195 11.31 -24.00 25.80
CA GLU B 195 11.89 -23.03 26.74
C GLU B 195 12.89 -22.06 26.06
N PHE B 196 13.13 -20.93 26.71
CA PHE B 196 14.06 -19.93 26.19
C PHE B 196 15.44 -20.10 26.84
N PRO B 197 16.50 -19.93 26.06
CA PRO B 197 17.83 -19.88 26.66
C PRO B 197 18.04 -18.53 27.35
N GLU B 198 18.98 -18.47 28.28
CA GLU B 198 19.22 -17.23 29.02
C GLU B 198 19.84 -16.19 28.09
N LEU B 199 19.56 -14.92 28.35
CA LEU B 199 20.14 -13.84 27.61
C LEU B 199 21.52 -13.59 28.17
N GLU B 200 22.55 -13.86 27.38
CA GLU B 200 23.92 -13.65 27.83
C GLU B 200 24.24 -12.14 27.84
N PRO B 201 24.83 -11.63 28.95
CA PRO B 201 25.22 -10.22 28.93
C PRO B 201 26.27 -9.93 27.87
N ASN B 202 26.37 -8.66 27.47
CA ASN B 202 27.47 -8.25 26.59
C ASN B 202 28.78 -8.55 27.27
N SER B 203 29.76 -9.00 26.47
CA SER B 203 31.13 -9.11 26.92
C SER B 203 31.97 -8.01 26.28
N VAL B 204 31.55 -7.52 25.11
CA VAL B 204 32.28 -6.48 24.39
C VAL B 204 31.76 -5.08 24.75
N THR B 205 32.69 -4.18 25.07
CA THR B 205 32.39 -2.82 25.57
C THR B 205 31.87 -1.91 24.44
N PRO B 206 30.61 -1.45 24.54
CA PRO B 206 29.99 -0.60 23.51
C PRO B 206 30.35 0.88 23.59
N LEU B 236 -3.62 13.04 32.24
CA LEU B 236 -4.88 12.27 32.20
C LEU B 236 -6.11 13.14 32.50
N LYS B 237 -6.04 13.92 33.58
CA LYS B 237 -7.17 14.78 34.01
C LYS B 237 -7.75 15.65 32.89
N ASN B 238 -6.90 16.18 32.01
CA ASN B 238 -7.34 16.96 30.84
C ASN B 238 -8.05 16.10 29.82
N LYS B 239 -7.29 15.18 29.22
CA LYS B 239 -7.75 14.40 28.09
C LYS B 239 -8.63 13.22 28.50
N ASP B 240 -8.41 12.66 29.69
CA ASP B 240 -8.90 11.30 30.02
C ASP B 240 -9.28 11.12 31.49
N PRO B 241 -10.19 11.97 32.02
CA PRO B 241 -10.54 12.02 33.45
C PRO B 241 -11.16 10.74 34.04
N LEU B 242 -11.75 9.88 33.22
CA LEU B 242 -12.39 8.66 33.75
C LEU B 242 -11.41 7.50 33.97
N PHE B 243 -10.21 7.58 33.40
CA PHE B 243 -9.30 6.44 33.43
C PHE B 243 -8.72 6.25 34.84
N GLU B 244 -8.67 5.00 35.25
CA GLU B 244 -8.18 4.61 36.59
C GLU B 244 -6.95 3.72 36.35
N PRO B 245 -5.75 4.30 36.48
CA PRO B 245 -4.53 3.55 36.17
C PRO B 245 -4.20 2.39 37.09
N TRP B 246 -4.75 2.39 38.31
CA TRP B 246 -4.32 1.43 39.32
C TRP B 246 -4.72 -0.02 39.03
N HIS B 247 -5.62 -0.23 38.07
CA HIS B 247 -6.06 -1.60 37.77
C HIS B 247 -4.95 -2.45 37.18
N PHE B 248 -4.04 -1.83 36.44
CA PHE B 248 -2.93 -2.52 35.81
C PHE B 248 -1.63 -1.75 36.00
N GLU B 249 -0.71 -2.37 36.72
CA GLU B 249 0.61 -1.85 36.91
C GLU B 249 1.49 -2.26 35.71
N PRO B 250 2.19 -1.29 35.08
CA PRO B 250 2.94 -1.66 33.87
C PRO B 250 4.24 -2.41 34.16
N GLY B 251 4.74 -3.16 33.16
CA GLY B 251 6.10 -3.65 33.18
C GLY B 251 6.25 -5.17 33.29
N GLU B 252 7.46 -5.63 32.99
CA GLU B 252 7.78 -7.08 32.97
C GLU B 252 7.50 -7.75 34.29
N LYS B 253 7.98 -7.14 35.37
CA LYS B 253 7.77 -7.71 36.70
C LYS B 253 6.30 -7.82 37.11
N ALA B 254 5.52 -6.78 36.86
CA ALA B 254 4.09 -6.79 37.15
C ALA B 254 3.38 -7.85 36.30
N ALA B 255 3.80 -7.97 35.05
CA ALA B 255 3.21 -8.94 34.13
C ALA B 255 3.36 -10.36 34.67
N LYS B 256 4.56 -10.65 35.15
CA LYS B 256 4.84 -11.93 35.75
C LYS B 256 3.92 -12.21 36.97
N LYS B 257 3.71 -11.19 37.82
CA LYS B 257 2.84 -11.36 38.98
C LYS B 257 1.39 -11.60 38.56
N VAL B 258 0.96 -10.93 37.48
CA VAL B 258 -0.37 -11.15 36.96
C VAL B 258 -0.47 -12.59 36.44
N MET B 259 0.57 -13.05 35.75
CA MET B 259 0.56 -14.43 35.24
C MET B 259 0.46 -15.42 36.40
N GLU B 260 1.26 -15.19 37.45
CA GLU B 260 1.32 -16.08 38.61
C GLU B 260 0.00 -16.13 39.37
N SER B 261 -0.59 -14.96 39.54
CA SER B 261 -1.87 -14.84 40.19
C SER B 261 -2.97 -15.54 39.36
N PHE B 262 -2.93 -15.39 38.04
CA PHE B 262 -3.88 -16.11 37.18
C PHE B 262 -3.78 -17.62 37.43
N ILE B 263 -2.56 -18.14 37.39
CA ILE B 263 -2.35 -19.57 37.51
C ILE B 263 -2.80 -20.03 38.90
N ALA B 264 -2.49 -19.27 39.94
CA ALA B 264 -2.82 -19.65 41.31
C ALA B 264 -4.32 -19.58 41.61
N ASP B 265 -4.99 -18.54 41.12
CA ASP B 265 -6.35 -18.22 41.59
C ASP B 265 -7.46 -18.32 40.54
N ARG B 266 -7.15 -18.19 39.26
CA ARG B 266 -8.21 -18.08 38.26
C ARG B 266 -8.21 -19.21 37.23
N LEU B 267 -7.05 -19.81 36.95
CA LEU B 267 -6.94 -20.82 35.88
C LEU B 267 -7.88 -22.01 36.08
N ASP B 268 -8.01 -22.53 37.30
CA ASP B 268 -8.88 -23.68 37.58
CA ASP B 268 -8.88 -23.70 37.51
C ASP B 268 -10.29 -23.41 37.06
N SER B 269 -10.80 -22.21 37.32
CA SER B 269 -12.16 -21.81 36.92
C SER B 269 -12.30 -21.19 35.53
N TYR B 270 -11.19 -20.99 34.83
CA TYR B 270 -11.21 -20.31 33.54
C TYR B 270 -12.15 -20.98 32.52
N GLY B 271 -12.02 -22.30 32.39
CA GLY B 271 -12.89 -23.09 31.52
C GLY B 271 -14.37 -22.82 31.72
N ALA B 272 -14.80 -22.76 32.97
CA ALA B 272 -16.23 -22.60 33.27
C ALA B 272 -16.71 -21.18 33.22
N LEU B 273 -15.87 -20.22 33.61
CA LEU B 273 -16.33 -18.88 33.88
C LEU B 273 -15.75 -17.80 32.95
N ARG B 274 -14.97 -18.19 31.95
CA ARG B 274 -14.41 -17.20 31.02
C ARG B 274 -15.44 -16.34 30.30
N ASN B 275 -16.65 -16.87 30.08
CA ASN B 275 -17.68 -16.12 29.36
C ASN B 275 -18.64 -15.36 30.30
N ASP B 276 -18.29 -15.25 31.58
CA ASP B 276 -19.12 -14.53 32.53
C ASP B 276 -18.39 -13.27 32.98
N PRO B 277 -18.83 -12.11 32.46
CA PRO B 277 -18.13 -10.87 32.73
C PRO B 277 -18.30 -10.32 34.13
N THR B 278 -19.16 -10.95 34.96
CA THR B 278 -19.28 -10.54 36.35
C THR B 278 -18.22 -11.22 37.22
N LYS B 279 -17.51 -12.20 36.66
CA LYS B 279 -16.45 -12.92 37.38
C LYS B 279 -15.09 -12.48 36.88
N ASN B 280 -14.16 -12.26 37.77
CA ASN B 280 -12.81 -11.87 37.35
C ASN B 280 -12.02 -13.18 37.13
N MET B 281 -12.29 -13.89 36.04
CA MET B 281 -11.65 -15.20 35.86
C MET B 281 -10.72 -15.23 34.66
N LEU B 282 -10.62 -14.13 33.91
CA LEU B 282 -9.67 -14.05 32.80
C LEU B 282 -8.27 -13.81 33.37
N SER B 283 -7.24 -13.97 32.53
CA SER B 283 -5.86 -13.82 33.01
C SER B 283 -5.49 -12.39 33.29
N ASN B 284 -6.14 -11.46 32.58
CA ASN B 284 -5.77 -10.05 32.63
C ASN B 284 -4.38 -9.76 32.08
N LEU B 285 -3.94 -10.60 31.14
CA LEU B 285 -2.61 -10.47 30.58
C LEU B 285 -2.56 -9.60 29.34
N SER B 286 -3.70 -9.32 28.73
CA SER B 286 -3.69 -8.70 27.42
C SER B 286 -2.90 -7.40 27.30
N PRO B 287 -2.95 -6.51 28.30
CA PRO B 287 -2.14 -5.28 28.14
C PRO B 287 -0.63 -5.57 28.04
N TYR B 288 -0.20 -6.55 28.82
CA TYR B 288 1.20 -6.94 28.88
C TYR B 288 1.58 -7.64 27.60
N LEU B 289 0.69 -8.52 27.14
CA LEU B 289 0.94 -9.25 25.91
C LEU B 289 1.00 -8.31 24.69
N HIS B 290 0.08 -7.34 24.64
CA HIS B 290 0.03 -6.36 23.56
C HIS B 290 1.33 -5.59 23.42
N PHE B 291 1.84 -5.09 24.56
CA PHE B 291 3.09 -4.34 24.59
C PHE B 291 4.34 -5.22 24.59
N GLY B 292 4.16 -6.54 24.61
CA GLY B 292 5.31 -7.45 24.62
C GLY B 292 6.08 -7.40 25.93
N GLN B 293 5.42 -6.98 27.00
CA GLN B 293 6.02 -6.96 28.32
C GLN B 293 6.09 -8.35 28.93
N ILE B 294 5.36 -9.29 28.36
CA ILE B 294 5.49 -10.71 28.67
C ILE B 294 5.30 -11.49 27.36
N SER B 295 5.97 -12.64 27.28
CA SER B 295 5.89 -13.57 26.13
C SER B 295 4.70 -14.51 26.20
N SER B 296 3.88 -14.57 25.14
CA SER B 296 2.81 -15.61 25.13
C SER B 296 3.40 -17.03 25.22
N GLN B 297 4.54 -17.25 24.60
CA GLN B 297 5.23 -18.54 24.70
C GLN B 297 5.51 -18.89 26.16
N ARG B 298 6.06 -17.94 26.92
CA ARG B 298 6.26 -18.11 28.36
C ARG B 298 4.96 -18.47 29.08
N VAL B 299 3.89 -17.69 28.86
CA VAL B 299 2.62 -17.95 29.51
C VAL B 299 2.10 -19.37 29.21
N VAL B 300 2.20 -19.79 27.96
CA VAL B 300 1.77 -21.15 27.59
C VAL B 300 2.59 -22.20 28.39
N LEU B 301 3.91 -21.99 28.46
CA LEU B 301 4.78 -22.91 29.19
C LEU B 301 4.38 -23.00 30.68
N GLU B 302 4.10 -21.85 31.29
CA GLU B 302 3.76 -21.82 32.70
C GLU B 302 2.36 -22.38 32.94
N VAL B 303 1.43 -22.11 32.03
CA VAL B 303 0.11 -22.70 32.14
C VAL B 303 0.16 -24.22 32.06
N GLU B 304 0.92 -24.75 31.11
CA GLU B 304 1.07 -26.21 30.98
C GLU B 304 1.65 -26.89 32.23
N LYS B 305 2.57 -26.21 32.92
CA LYS B 305 3.19 -26.76 34.14
C LYS B 305 2.22 -26.79 35.31
N ALA B 306 1.24 -25.91 35.33
CA ALA B 306 0.33 -25.76 36.44
C ALA B 306 -0.48 -27.01 36.82
N GLU B 307 -0.72 -27.17 38.12
CA GLU B 307 -1.67 -28.12 38.65
C GLU B 307 -3.05 -27.53 38.53
N SER B 308 -3.75 -27.88 37.47
CA SER B 308 -5.05 -27.31 37.21
C SER B 308 -5.91 -28.24 36.36
N ASN B 309 -7.21 -27.98 36.41
CA ASN B 309 -8.19 -28.58 35.52
C ASN B 309 -7.66 -28.59 34.07
N PRO B 310 -7.47 -29.77 33.44
CA PRO B 310 -7.00 -29.80 32.04
C PRO B 310 -7.97 -29.21 31.02
N GLY B 311 -9.28 -29.30 31.30
CA GLY B 311 -10.30 -28.54 30.57
C GLY B 311 -9.98 -27.05 30.51
N SER B 312 -9.61 -26.45 31.64
CA SER B 312 -9.29 -25.02 31.68
C SER B 312 -8.03 -24.73 30.90
N LYS B 313 -7.03 -25.60 31.07
CA LYS B 313 -5.78 -25.42 30.36
C LYS B 313 -5.99 -25.44 28.85
N LYS B 314 -6.79 -26.38 28.34
CA LYS B 314 -7.02 -26.47 26.90
C LYS B 314 -7.76 -25.25 26.39
N ALA B 315 -8.77 -24.81 27.13
CA ALA B 315 -9.56 -23.62 26.77
C ALA B 315 -8.69 -22.35 26.73
N PHE B 316 -7.80 -22.22 27.71
CA PHE B 316 -6.88 -21.10 27.74
C PHE B 316 -5.90 -21.12 26.55
N LEU B 317 -5.28 -22.28 26.29
CA LEU B 317 -4.37 -22.40 25.16
C LEU B 317 -5.06 -22.13 23.85
N ASP B 318 -6.31 -22.53 23.71
CA ASP B 318 -7.03 -22.23 22.49
C ASP B 318 -7.10 -20.71 22.22
N GLU B 319 -7.28 -19.92 23.27
CA GLU B 319 -7.34 -18.47 23.10
C GLU B 319 -5.96 -17.86 22.78
N ILE B 320 -4.95 -18.19 23.59
CA ILE B 320 -3.65 -17.54 23.50
C ILE B 320 -2.77 -18.12 22.38
N LEU B 321 -3.07 -19.34 21.93
CA LEU B 321 -2.41 -19.91 20.75
C LEU B 321 -3.26 -19.70 19.51
N ILE B 322 -4.43 -20.33 19.45
CA ILE B 322 -5.17 -20.35 18.20
C ILE B 322 -5.77 -18.98 17.84
N TRP B 323 -6.52 -18.38 18.74
CA TRP B 323 -7.16 -17.09 18.43
C TRP B 323 -6.16 -15.93 18.33
N LYS B 324 -5.18 -15.87 19.23
CA LYS B 324 -4.14 -14.86 19.13
C LYS B 324 -3.35 -14.97 17.83
N GLU B 325 -2.84 -16.16 17.52
CA GLU B 325 -1.98 -16.30 16.34
C GLU B 325 -2.78 -16.27 15.03
N ILE B 326 -4.04 -16.68 15.04
CA ILE B 326 -4.87 -16.51 13.83
C ILE B 326 -5.17 -15.01 13.58
N SER B 327 -5.03 -14.18 14.60
CA SER B 327 -5.19 -12.74 14.41
C SER B 327 -3.99 -12.13 13.68
N ASP B 328 -2.77 -12.58 14.01
CA ASP B 328 -1.60 -12.18 13.23
C ASP B 328 -1.73 -12.71 11.80
N ASN B 329 -2.20 -13.96 11.64
CA ASN B 329 -2.45 -14.55 10.33
C ASN B 329 -3.38 -13.65 9.49
N PHE B 330 -4.47 -13.19 10.11
CA PHE B 330 -5.45 -12.35 9.45
C PHE B 330 -4.82 -11.05 8.97
N CYS B 331 -4.12 -10.35 9.86
CA CYS B 331 -3.50 -9.08 9.48
C CYS B 331 -2.38 -9.22 8.45
N TYR B 332 -1.58 -10.27 8.61
CA TYR B 332 -0.47 -10.55 7.72
C TYR B 332 -0.90 -10.82 6.29
N TYR B 333 -1.92 -11.65 6.13
CA TYR B 333 -2.38 -12.06 4.81
C TYR B 333 -3.54 -11.22 4.26
N ASN B 334 -4.06 -10.26 5.04
CA ASN B 334 -5.09 -9.34 4.54
C ASN B 334 -4.69 -7.90 4.86
N PRO B 335 -3.94 -7.27 3.98
CA PRO B 335 -3.47 -5.91 4.24
C PRO B 335 -4.59 -4.90 4.49
N GLY B 336 -5.78 -5.15 3.98
CA GLY B 336 -6.95 -4.32 4.27
C GLY B 336 -7.77 -4.83 5.46
N TYR B 337 -7.08 -5.38 6.47
CA TYR B 337 -7.69 -5.98 7.69
C TYR B 337 -8.64 -5.05 8.46
N ASP B 338 -8.52 -3.74 8.23
CA ASP B 338 -9.33 -2.76 8.92
C ASP B 338 -10.46 -2.23 8.03
N GLY B 339 -10.78 -2.97 6.97
CA GLY B 339 -11.78 -2.55 6.00
C GLY B 339 -12.80 -3.65 5.72
N PHE B 340 -13.97 -3.20 5.27
CA PHE B 340 -15.08 -4.07 4.87
C PHE B 340 -14.68 -5.15 3.87
N GLU B 341 -13.77 -4.81 2.96
CA GLU B 341 -13.42 -5.77 1.91
C GLU B 341 -12.67 -7.03 2.43
N SER B 342 -12.13 -6.98 3.65
CA SER B 342 -11.51 -8.13 4.32
CA SER B 342 -11.51 -8.18 4.22
C SER B 342 -12.52 -9.16 4.83
N PHE B 343 -13.79 -8.77 4.97
CA PHE B 343 -14.81 -9.73 5.41
C PHE B 343 -15.01 -10.87 4.37
N PRO B 344 -15.43 -12.07 4.81
CA PRO B 344 -15.71 -13.13 3.85
C PRO B 344 -16.86 -12.78 2.92
N SER B 345 -16.84 -13.35 1.72
CA SER B 345 -17.84 -13.04 0.72
C SER B 345 -19.26 -13.22 1.20
N TRP B 346 -19.54 -14.32 1.90
CA TRP B 346 -20.90 -14.56 2.36
C TRP B 346 -21.38 -13.38 3.22
N ALA B 347 -20.48 -12.86 4.06
CA ALA B 347 -20.81 -11.79 5.00
C ALA B 347 -20.99 -10.46 4.26
N LYS B 348 -20.10 -10.18 3.31
CA LYS B 348 -20.25 -8.98 2.50
C LYS B 348 -21.55 -9.00 1.72
N GLU B 349 -21.85 -10.11 1.05
CA GLU B 349 -23.11 -10.28 0.37
C GLU B 349 -24.32 -10.04 1.28
N SER B 350 -24.31 -10.67 2.46
CA SER B 350 -25.43 -10.57 3.38
C SER B 350 -25.59 -9.14 3.90
N LEU B 351 -24.48 -8.53 4.31
CA LEU B 351 -24.53 -7.15 4.78
C LEU B 351 -25.00 -6.20 3.67
N ASN B 352 -24.49 -6.42 2.46
CA ASN B 352 -24.88 -5.60 1.33
C ASN B 352 -26.39 -5.67 1.08
N ALA B 353 -26.95 -6.89 1.18
CA ALA B 353 -28.36 -7.11 0.97
C ALA B 353 -29.23 -6.37 1.96
N HIS B 354 -28.67 -6.01 3.11
CA HIS B 354 -29.41 -5.34 4.18
C HIS B 354 -29.07 -3.88 4.43
N ARG B 355 -28.31 -3.27 3.53
CA ARG B 355 -27.92 -1.87 3.70
C ARG B 355 -29.10 -0.92 3.67
N ASN B 356 -30.17 -1.29 2.97
CA ASN B 356 -31.37 -0.45 2.95
C ASN B 356 -32.39 -0.67 4.07
N ASP B 357 -32.11 -1.63 4.95
CA ASP B 357 -32.98 -1.85 6.10
C ASP B 357 -32.91 -0.64 7.04
N VAL B 358 -34.06 -0.26 7.58
CA VAL B 358 -34.16 0.84 8.53
C VAL B 358 -33.53 0.39 9.84
N ARG B 359 -32.58 1.19 10.32
CA ARG B 359 -31.97 0.93 11.62
C ARG B 359 -32.89 1.44 12.75
N SER B 360 -32.92 0.73 13.86
CA SER B 360 -33.70 1.19 15.02
CA SER B 360 -33.70 1.19 15.01
C SER B 360 -33.02 2.33 15.77
N HIS B 361 -31.70 2.44 15.61
CA HIS B 361 -30.90 3.52 16.21
C HIS B 361 -29.71 3.84 15.34
N ILE B 362 -29.33 5.10 15.30
CA ILE B 362 -28.11 5.55 14.62
C ILE B 362 -27.39 6.44 15.61
N TYR B 363 -26.32 5.94 16.22
CA TYR B 363 -25.54 6.74 17.19
C TYR B 363 -24.32 7.34 16.51
N THR B 364 -23.90 8.53 16.95
CA THR B 364 -22.65 9.11 16.49
C THR B 364 -21.50 8.48 17.27
N LEU B 365 -20.29 8.67 16.76
CA LEU B 365 -19.08 8.23 17.46
C LEU B 365 -19.07 8.75 18.90
N GLU B 366 -19.43 10.01 19.08
CA GLU B 366 -19.36 10.64 20.38
C GLU B 366 -20.40 10.08 21.37
N GLU B 367 -21.57 9.71 20.88
CA GLU B 367 -22.58 9.08 21.73
CA GLU B 367 -22.59 9.09 21.72
C GLU B 367 -22.14 7.68 22.17
N PHE B 368 -21.66 6.88 21.24
CA PHE B 368 -21.07 5.57 21.58
C PHE B 368 -19.92 5.77 22.61
N GLU B 369 -19.05 6.72 22.31
CA GLU B 369 -17.85 6.98 23.13
C GLU B 369 -18.18 7.29 24.59
N ALA B 370 -19.23 8.05 24.83
CA ALA B 370 -19.59 8.49 26.18
C ALA B 370 -20.55 7.50 26.85
N GLY B 371 -20.89 6.41 26.18
CA GLY B 371 -21.79 5.41 26.77
C GLY B 371 -23.22 5.93 26.92
N LYS B 372 -23.72 6.61 25.89
CA LYS B 372 -25.05 7.24 25.94
C LYS B 372 -26.09 6.59 25.03
N THR B 373 -26.16 5.28 25.03
CA THR B 373 -27.19 4.58 24.28
C THR B 373 -28.36 4.22 25.18
N HIS B 374 -29.38 3.63 24.57
CA HIS B 374 -30.57 3.11 25.27
C HIS B 374 -30.31 1.78 26.01
N ASP B 375 -29.16 1.16 25.75
CA ASP B 375 -28.89 -0.19 26.19
C ASP B 375 -27.91 -0.12 27.36
N PRO B 376 -28.39 -0.44 28.57
CA PRO B 376 -27.51 -0.28 29.74
C PRO B 376 -26.36 -1.29 29.80
N LEU B 377 -26.51 -2.46 29.18
CA LEU B 377 -25.44 -3.44 29.10
C LEU B 377 -24.36 -2.89 28.19
N TRP B 378 -24.80 -2.29 27.09
CA TRP B 378 -23.85 -1.71 26.14
C TRP B 378 -23.10 -0.58 26.83
N ASN B 379 -23.84 0.30 27.49
CA ASN B 379 -23.22 1.43 28.18
C ASN B 379 -22.25 0.99 29.29
N ALA B 380 -22.61 -0.03 30.06
CA ALA B 380 -21.73 -0.54 31.10
C ALA B 380 -20.44 -1.11 30.50
N SER B 381 -20.54 -1.78 29.36
CA SER B 381 -19.33 -2.30 28.67
C SER B 381 -18.40 -1.15 28.29
N GLN B 382 -18.98 -0.09 27.73
CA GLN B 382 -18.21 1.10 27.35
C GLN B 382 -17.61 1.74 28.60
N MET B 383 -18.32 1.75 29.73
CA MET B 383 -17.81 2.34 30.98
CA MET B 383 -17.77 2.36 30.95
C MET B 383 -16.67 1.49 31.55
N GLU B 384 -16.77 0.18 31.41
CA GLU B 384 -15.65 -0.68 31.79
C GLU B 384 -14.40 -0.32 30.98
N LEU B 385 -14.59 -0.13 29.68
CA LEU B 385 -13.51 0.30 28.81
C LEU B 385 -12.92 1.65 29.20
N LEU B 386 -13.78 2.65 29.42
CA LEU B 386 -13.31 4.00 29.76
C LEU B 386 -12.63 4.08 31.12
N SER B 387 -13.18 3.39 32.11
CA SER B 387 -12.64 3.46 33.45
C SER B 387 -11.40 2.58 33.65
N THR B 388 -11.36 1.38 33.06
CA THR B 388 -10.25 0.43 33.36
C THR B 388 -9.24 0.23 32.22
N GLY B 389 -9.66 0.57 31.00
CA GLY B 389 -8.81 0.34 29.85
C GLY B 389 -8.86 -1.09 29.39
N LYS B 390 -9.77 -1.90 29.95
CA LYS B 390 -9.89 -3.30 29.50
C LYS B 390 -11.32 -3.80 29.66
N MET B 391 -11.98 -4.06 28.53
CA MET B 391 -13.34 -4.59 28.56
C MET B 391 -13.26 -6.11 28.58
N HIS B 392 -14.18 -6.70 29.33
CA HIS B 392 -14.22 -8.14 29.42
C HIS B 392 -14.45 -8.70 28.00
N GLY B 393 -13.75 -9.79 27.68
CA GLY B 393 -13.80 -10.38 26.32
C GLY B 393 -15.19 -10.74 25.84
N TYR B 394 -16.03 -11.21 26.75
CA TYR B 394 -17.41 -11.54 26.39
C TYR B 394 -18.22 -10.33 25.94
N THR B 395 -18.15 -9.24 26.68
CA THR B 395 -18.89 -8.05 26.32
C THR B 395 -18.27 -7.28 25.15
N ARG B 396 -16.98 -7.50 24.82
CA ARG B 396 -16.42 -6.93 23.56
C ARG B 396 -17.20 -7.41 22.33
N MET B 397 -17.59 -8.68 22.33
CA MET B 397 -18.37 -9.24 21.25
C MET B 397 -19.74 -8.54 21.16
N TYR B 398 -20.44 -8.43 22.28
CA TYR B 398 -21.74 -7.78 22.34
C TYR B 398 -21.63 -6.34 21.88
N TRP B 399 -20.60 -5.69 22.40
CA TRP B 399 -20.30 -4.29 22.16
C TRP B 399 -20.10 -3.96 20.69
N ALA B 400 -19.22 -4.69 20.03
CA ALA B 400 -18.96 -4.44 18.60
C ALA B 400 -20.17 -4.78 17.74
N LYS B 401 -20.91 -5.82 18.11
CA LYS B 401 -22.09 -6.19 17.35
C LYS B 401 -23.21 -5.17 17.40
N LYS B 402 -23.34 -4.43 18.51
CA LYS B 402 -24.34 -3.37 18.56
C LYS B 402 -23.89 -2.12 17.83
N ILE B 403 -22.58 -1.90 17.73
CA ILE B 403 -22.08 -0.83 16.85
C ILE B 403 -22.56 -1.08 15.38
N LEU B 404 -22.42 -2.31 14.89
CA LEU B 404 -22.97 -2.67 13.59
C LEU B 404 -24.47 -2.39 13.52
N GLU B 405 -25.20 -2.80 14.53
CA GLU B 405 -26.65 -2.73 14.51
C GLU B 405 -27.16 -1.28 14.54
N TRP B 406 -26.42 -0.40 15.21
CA TRP B 406 -26.87 0.98 15.44
C TRP B 406 -26.01 2.02 14.74
N SER B 407 -25.52 1.68 13.56
CA SER B 407 -24.79 2.58 12.68
C SER B 407 -25.44 2.58 11.31
N GLU B 408 -25.24 3.64 10.55
CA GLU B 408 -25.88 3.76 9.23
C GLU B 408 -25.36 2.75 8.22
N SER B 409 -24.14 2.26 8.39
CA SER B 409 -23.55 1.31 7.45
C SER B 409 -22.49 0.48 8.17
N PRO B 410 -22.19 -0.71 7.63
CA PRO B 410 -21.12 -1.51 8.16
C PRO B 410 -19.76 -0.81 8.13
N GLU B 411 -19.51 0.03 7.13
CA GLU B 411 -18.24 0.74 7.05
C GLU B 411 -18.10 1.71 8.23
N LYS B 412 -19.17 2.42 8.53
CA LYS B 412 -19.19 3.32 9.66
C LYS B 412 -19.03 2.56 10.98
N ALA B 413 -19.72 1.43 11.10
CA ALA B 413 -19.62 0.62 12.31
C ALA B 413 -18.18 0.16 12.54
N LEU B 414 -17.55 -0.28 11.46
CA LEU B 414 -16.17 -0.73 11.52
C LEU B 414 -15.21 0.40 11.95
N GLU B 415 -15.39 1.58 11.35
CA GLU B 415 -14.61 2.76 11.74
C GLU B 415 -14.78 3.15 13.22
N ILE B 416 -16.00 3.11 13.71
CA ILE B 416 -16.28 3.47 15.09
C ILE B 416 -15.68 2.46 16.06
N ALA B 417 -15.89 1.17 15.79
CA ALA B 417 -15.41 0.14 16.68
C ALA B 417 -13.89 0.17 16.80
N ILE B 418 -13.23 0.28 15.63
CA ILE B 418 -11.79 0.40 15.58
C ILE B 418 -11.33 1.65 16.33
N CYS B 419 -12.01 2.76 16.10
CA CYS B 419 -11.63 4.03 16.74
C CYS B 419 -11.72 3.92 18.28
N LEU B 420 -12.82 3.36 18.78
CA LEU B 420 -12.97 3.25 20.26
C LEU B 420 -12.03 2.22 20.88
N ASN B 421 -11.87 1.08 20.22
CA ASN B 421 -10.94 0.05 20.64
C ASN B 421 -9.51 0.64 20.72
N ASP B 422 -9.12 1.35 19.68
CA ASP B 422 -7.74 1.87 19.59
C ASP B 422 -7.49 3.07 20.52
N ARG B 423 -8.51 3.91 20.73
CA ARG B 423 -8.39 5.01 21.67
C ARG B 423 -8.30 4.56 23.13
N TYR B 424 -9.05 3.54 23.50
CA TYR B 424 -9.30 3.25 24.93
C TYR B 424 -8.79 1.92 25.49
N GLU B 425 -8.64 0.88 24.68
CA GLU B 425 -8.14 -0.38 25.20
C GLU B 425 -6.62 -0.26 25.40
N LEU B 426 -6.17 -0.70 26.56
CA LEU B 426 -4.75 -0.80 26.82
C LEU B 426 -4.16 -1.79 25.83
N ASP B 427 -4.91 -2.85 25.55
CA ASP B 427 -4.44 -3.91 24.67
C ASP B 427 -4.76 -3.68 23.17
N GLY B 428 -5.30 -2.51 22.83
CA GLY B 428 -5.73 -2.21 21.45
C GLY B 428 -4.62 -1.92 20.45
N ARG B 429 -5.01 -1.52 19.24
CA ARG B 429 -4.06 -1.17 18.19
C ARG B 429 -3.24 -2.43 17.97
N ASP B 430 -3.96 -3.53 17.74
CA ASP B 430 -3.39 -4.86 17.89
C ASP B 430 -4.08 -5.77 16.88
N PRO B 431 -3.32 -6.71 16.30
CA PRO B 431 -3.95 -7.66 15.42
C PRO B 431 -5.16 -8.37 16.07
N ASN B 432 -5.09 -8.69 17.36
CA ASN B 432 -6.22 -9.33 18.05
C ASN B 432 -7.49 -8.48 17.98
N GLY B 433 -7.31 -7.18 18.03
CA GLY B 433 -8.41 -6.23 17.96
C GLY B 433 -9.01 -6.11 16.59
N TYR B 434 -8.17 -5.95 15.56
CA TYR B 434 -8.68 -5.89 14.19
C TYR B 434 -9.41 -7.18 13.85
N ALA B 435 -8.83 -8.31 14.24
CA ALA B 435 -9.45 -9.62 13.94
C ALA B 435 -10.74 -9.86 14.76
N GLY B 436 -10.77 -9.38 16.00
CA GLY B 436 -11.92 -9.57 16.89
C GLY B 436 -13.07 -8.68 16.45
N ILE B 437 -12.75 -7.46 16.02
CA ILE B 437 -13.75 -6.55 15.47
C ILE B 437 -14.28 -7.07 14.14
N ALA B 438 -13.38 -7.57 13.29
CA ALA B 438 -13.80 -8.17 12.01
C ALA B 438 -14.65 -9.44 12.18
N TRP B 439 -14.31 -10.27 13.17
CA TRP B 439 -15.18 -11.37 13.59
C TRP B 439 -16.58 -10.87 13.98
N SER B 440 -16.64 -9.84 14.80
CA SER B 440 -17.88 -9.38 15.37
C SER B 440 -18.82 -8.73 14.36
N ILE B 441 -18.25 -7.87 13.54
CA ILE B 441 -19.00 -7.06 12.59
C ILE B 441 -19.13 -7.74 11.21
N GLY B 442 -18.08 -8.46 10.82
CA GLY B 442 -17.99 -9.03 9.47
C GLY B 442 -17.95 -10.54 9.36
N GLY B 443 -18.03 -11.24 10.47
CA GLY B 443 -18.07 -12.69 10.42
C GLY B 443 -16.76 -13.35 10.06
N VAL B 444 -15.65 -12.61 10.11
CA VAL B 444 -14.35 -13.21 9.81
C VAL B 444 -14.09 -14.29 10.85
N HIS B 445 -13.74 -15.50 10.41
CA HIS B 445 -13.55 -16.65 11.30
C HIS B 445 -14.81 -17.11 12.00
N ASP B 446 -15.97 -16.78 11.44
CA ASP B 446 -17.25 -17.24 11.97
C ASP B 446 -18.01 -17.80 10.79
N ARG B 447 -19.19 -18.35 11.05
CA ARG B 447 -20.07 -18.81 9.99
C ARG B 447 -21.31 -17.95 9.95
N ALA B 448 -22.15 -18.19 8.95
CA ALA B 448 -23.43 -17.53 8.79
C ALA B 448 -24.46 -18.06 9.78
N TRP B 449 -25.26 -17.17 10.35
CA TRP B 449 -26.33 -17.54 11.27
C TRP B 449 -27.65 -17.14 10.65
N GLY B 450 -28.75 -17.31 11.38
CA GLY B 450 -30.09 -17.01 10.85
C GLY B 450 -30.13 -15.57 10.38
N GLU B 451 -30.82 -15.32 9.28
CA GLU B 451 -30.86 -13.99 8.67
C GLU B 451 -31.78 -13.03 9.42
N ARG B 452 -31.29 -11.83 9.68
CA ARG B 452 -32.06 -10.76 10.31
C ARG B 452 -31.95 -9.46 9.54
N GLU B 453 -32.88 -8.56 9.81
CA GLU B 453 -32.81 -7.18 9.35
C GLU B 453 -31.53 -6.51 9.87
N VAL B 454 -30.96 -5.64 9.03
CA VAL B 454 -29.79 -4.81 9.35
C VAL B 454 -28.51 -5.62 9.39
N THR B 455 -28.43 -6.61 10.28
CA THR B 455 -27.19 -7.38 10.51
C THR B 455 -27.09 -8.65 9.63
N GLY B 456 -28.14 -8.97 8.89
CA GLY B 456 -28.10 -10.09 7.97
C GLY B 456 -27.82 -11.40 8.68
N LYS B 457 -26.85 -12.16 8.16
CA LYS B 457 -26.51 -13.46 8.73
C LYS B 457 -25.33 -13.40 9.70
N ILE B 458 -24.89 -12.19 10.05
CA ILE B 458 -23.88 -12.03 11.08
C ILE B 458 -24.41 -12.50 12.47
N ARG B 459 -23.60 -13.30 13.17
CA ARG B 459 -23.99 -13.80 14.48
C ARG B 459 -24.56 -12.67 15.32
N TYR B 460 -25.71 -12.91 15.96
CA TYR B 460 -26.43 -11.90 16.73
C TYR B 460 -26.31 -12.23 18.22
N MET B 461 -26.21 -11.22 19.07
CA MET B 461 -26.16 -11.40 20.53
C MET B 461 -27.14 -10.45 21.16
N SER B 462 -28.26 -10.98 21.61
CA SER B 462 -29.32 -10.13 22.10
C SER B 462 -29.07 -9.83 23.57
N TYR B 463 -29.63 -8.71 24.00
CA TYR B 463 -29.64 -8.34 25.42
C TYR B 463 -30.26 -9.44 26.28
N GLU B 464 -31.43 -9.94 25.86
CA GLU B 464 -32.12 -10.98 26.62
C GLU B 464 -31.32 -12.29 26.61
N GLY B 465 -30.64 -12.57 25.51
CA GLY B 465 -29.73 -13.72 25.43
C GLY B 465 -28.60 -13.64 26.44
N CYS B 466 -28.04 -12.44 26.62
CA CYS B 466 -27.04 -12.22 27.67
C CYS B 466 -27.63 -12.39 29.09
N LYS B 467 -28.86 -11.95 29.31
CA LYS B 467 -29.50 -12.11 30.61
C LYS B 467 -29.73 -13.57 30.93
N ARG B 468 -29.97 -14.42 29.93
CA ARG B 468 -30.05 -15.86 30.18
C ARG B 468 -28.69 -16.48 30.51
N LYS B 469 -27.61 -15.80 30.16
CA LYS B 469 -26.27 -16.36 30.32
C LYS B 469 -25.52 -15.89 31.54
N PHE B 470 -25.74 -14.65 31.96
CA PHE B 470 -25.05 -14.14 33.14
C PHE B 470 -25.85 -13.03 33.78
N ASP B 471 -25.41 -12.61 34.96
CA ASP B 471 -26.12 -11.61 35.73
C ASP B 471 -25.81 -10.24 35.15
N VAL B 472 -26.58 -9.87 34.14
CA VAL B 472 -26.42 -8.60 33.42
C VAL B 472 -26.58 -7.43 34.40
N LYS B 473 -27.55 -7.52 35.31
CA LYS B 473 -27.80 -6.45 36.28
C LYS B 473 -26.57 -6.19 37.14
N LEU B 474 -25.91 -7.25 37.54
CA LEU B 474 -24.69 -7.16 38.35
C LEU B 474 -23.54 -6.46 37.58
N TYR B 475 -23.32 -6.84 36.33
CA TYR B 475 -22.30 -6.19 35.50
C TYR B 475 -22.58 -4.70 35.35
N ILE B 476 -23.84 -4.36 35.09
CA ILE B 476 -24.27 -2.98 34.99
C ILE B 476 -23.97 -2.22 36.28
N GLU B 477 -24.33 -2.80 37.44
CA GLU B 477 -23.98 -2.21 38.74
C GLU B 477 -22.50 -2.01 38.96
N LYS B 478 -21.66 -2.95 38.54
CA LYS B 478 -20.21 -2.79 38.65
C LYS B 478 -19.71 -1.48 38.02
N TYR B 479 -20.29 -1.09 36.88
CA TYR B 479 -19.83 0.10 36.13
C TYR B 479 -20.86 1.20 36.01
N SER B 480 -21.50 1.55 37.12
CA SER B 480 -22.36 2.73 37.23
C SER B 480 -21.73 3.75 38.17
#